data_4XPR
#
_entry.id   4XPR
#
_cell.length_a   112.028
_cell.length_b   112.028
_cell.length_c   114.752
_cell.angle_alpha   90.00
_cell.angle_beta   90.00
_cell.angle_gamma   90.00
#
_symmetry.space_group_name_H-M   'P 43 21 2'
#
loop_
_entity.id
_entity.type
_entity.pdbx_description
1 polymer Alpha-glucosidase
2 non-polymer 1,2-ETHANEDIOL
3 water water
#
_entity_poly.entity_id   1
_entity_poly.type   'polypeptide(L)'
_entity_poly.pdbx_seq_one_letter_code
;MGSSHHHHHHSSGLVPRGSHMASSHAQTANWTEIYPGVWKATVGKPESYDLLKAAGAQPNKDALSKTEKVSFPFANGGVS
LEVSGGKTYLRFPLQKEEQLYGFGLNFQTVHQRGKILELHVDHYGGKDSGRTHAPTPFYVSSNGYGVFINSARYIKVWAG
TGVRKDSENFPTPKDRNTDKTWSSRPYSDAVEILVPAEGVEVYVFGGPKPIDAVKRYNLLNGGGYLPPRWGLGFTQRVMT
RYTDKDVEKEVNDFKEKGYPLDFVGLEPGWQSKAYPGTFSWDKSRYPDPTSFVKKMKDQGIRLNLWINPYISPDAPFYKE
IKPYTGSHTVWLGLVPDFTMAEARKPFFNQLLKDQIERGVSGYKIAEVDGYDYYLWPDAAKFPSGLSAEQMRQTYGLLVQ
RYSAELYKQRNERTFGLVRASNGGGTSFPYVIYNDYYNHQDFITALINSGFAGVLWTPEVRASKSGEEWLRRFQSNVFSP
MAMINAWASGTKPWSYPEVEADVKKFALLRMQMMPYWYSAFARYHFEGMPPFRGMGLEEGFRQDAKVEKLNKVNLEENPY
AEAASKEIKDQYMAGDDLLVAPMFAGEKSRKVVLPKGKWYDFYTGEYAGDGEVLDVTPGLDKIPVYVRDGGIVPMMPALL
NSPKSNQKVDLEIRYYGNKPGEFKLYDDDGETFNYEKGDFSWRTIRVEKDKSGKVKGSISAAVKGKVNTVGKVTFTAMTK
;
_entity_poly.pdbx_strand_id   A
#
# COMPACT_ATOMS: atom_id res chain seq x y z
N ASN A 30 -14.43 -3.13 -29.13
CA ASN A 30 -14.20 -4.61 -28.92
C ASN A 30 -12.88 -4.93 -28.18
N TRP A 31 -12.78 -6.15 -27.68
CA TRP A 31 -11.72 -6.53 -26.73
C TRP A 31 -10.45 -7.14 -27.35
N THR A 32 -9.35 -6.42 -27.26
CA THR A 32 -8.04 -6.95 -27.65
C THR A 32 -7.37 -7.63 -26.47
N GLU A 33 -7.00 -8.89 -26.63
CA GLU A 33 -6.12 -9.55 -25.65
C GLU A 33 -4.71 -9.00 -25.79
N ILE A 34 -4.34 -8.07 -24.92
CA ILE A 34 -3.02 -7.44 -25.01
C ILE A 34 -1.92 -8.19 -24.25
N TYR A 35 -2.30 -9.05 -23.31
CA TYR A 35 -1.38 -9.89 -22.56
C TYR A 35 -2.17 -11.10 -22.17
N PRO A 36 -1.49 -12.17 -21.73
CA PRO A 36 -2.23 -13.28 -21.20
C PRO A 36 -3.15 -12.85 -20.05
N GLY A 37 -4.44 -13.14 -20.18
CA GLY A 37 -5.48 -12.75 -19.20
C GLY A 37 -5.77 -11.26 -19.05
N VAL A 38 -5.40 -10.47 -20.05
CA VAL A 38 -5.64 -9.03 -20.05
C VAL A 38 -6.22 -8.55 -21.38
N TRP A 39 -7.42 -7.96 -21.31
CA TRP A 39 -8.13 -7.45 -22.46
C TRP A 39 -8.42 -5.95 -22.32
N LYS A 40 -8.26 -5.24 -23.43
CA LYS A 40 -8.48 -3.81 -23.48
C LYS A 40 -9.55 -3.50 -24.53
N ALA A 41 -10.49 -2.65 -24.13
CA ALA A 41 -11.49 -2.05 -25.03
C ALA A 41 -11.38 -0.55 -24.96
N THR A 42 -11.45 0.10 -26.12
CA THR A 42 -11.58 1.54 -26.23
C THR A 42 -13.02 1.84 -26.64
N VAL A 43 -13.74 2.54 -25.78
CA VAL A 43 -15.14 2.91 -26.02
C VAL A 43 -15.15 4.40 -26.40
N GLY A 44 -15.79 4.73 -27.52
CA GLY A 44 -15.94 6.12 -27.93
C GLY A 44 -14.63 6.79 -28.16
N LYS A 45 -14.52 8.06 -27.76
CA LYS A 45 -13.29 8.82 -27.85
C LYS A 45 -12.73 9.08 -26.46
N PRO A 46 -11.72 8.29 -26.05
CA PRO A 46 -11.21 8.46 -24.69
C PRO A 46 -10.47 9.76 -24.56
N GLU A 47 -10.37 10.28 -23.34
CA GLU A 47 -9.68 11.55 -23.18
C GLU A 47 -8.17 11.32 -23.34
N SER A 48 -7.43 12.38 -23.63
CA SER A 48 -5.99 12.28 -23.88
C SER A 48 -5.20 12.11 -22.58
N TYR A 49 -5.79 12.45 -21.45
CA TYR A 49 -5.18 12.19 -20.13
C TYR A 49 -6.04 11.16 -19.39
N ASP A 50 -5.38 10.26 -18.68
CA ASP A 50 -6.04 9.25 -17.88
C ASP A 50 -5.07 8.79 -16.80
N LEU A 51 -5.43 7.75 -16.05
CA LEU A 51 -4.65 7.38 -14.87
C LEU A 51 -3.28 6.80 -15.23
N LEU A 52 -3.25 5.88 -16.19
CA LEU A 52 -2.02 5.22 -16.60
C LEU A 52 -1.04 6.21 -17.20
N LYS A 53 -1.55 7.13 -18.01
CA LYS A 53 -0.72 8.20 -18.61
C LYS A 53 -0.23 9.17 -17.55
N ALA A 54 -1.11 9.52 -16.62
CA ALA A 54 -0.66 10.36 -15.51
C ALA A 54 0.54 9.76 -14.78
N ALA A 55 0.46 8.48 -14.49
CA ALA A 55 1.45 7.79 -13.69
C ALA A 55 2.69 7.44 -14.51
N GLY A 56 2.55 7.34 -15.83
CA GLY A 56 3.63 6.94 -16.71
C GLY A 56 3.91 5.48 -16.45
N ALA A 57 2.87 4.77 -16.04
CA ALA A 57 2.98 3.36 -15.69
C ALA A 57 3.35 2.48 -16.92
N GLN A 58 4.45 1.75 -16.85
CA GLN A 58 4.82 0.81 -17.91
C GLN A 58 4.48 -0.63 -17.49
N PRO A 59 3.79 -1.39 -18.35
CA PRO A 59 3.49 -2.77 -17.95
C PRO A 59 4.73 -3.63 -17.79
N ASN A 60 4.72 -4.55 -16.83
CA ASN A 60 5.80 -5.52 -16.79
C ASN A 60 5.46 -6.66 -17.76
N LYS A 61 5.90 -6.47 -19.01
CA LYS A 61 5.57 -7.39 -20.13
C LYS A 61 6.09 -8.79 -19.89
N ASP A 62 7.34 -8.89 -19.44
CA ASP A 62 7.94 -10.19 -19.10
C ASP A 62 7.11 -10.99 -18.11
N ALA A 63 6.77 -10.35 -16.98
CA ALA A 63 6.02 -11.04 -15.94
C ALA A 63 4.63 -11.37 -16.45
N LEU A 64 4.03 -10.46 -17.21
CA LEU A 64 2.70 -10.73 -17.75
C LEU A 64 2.69 -11.91 -18.72
N SER A 65 3.71 -11.95 -19.57
CA SER A 65 3.89 -13.04 -20.55
C SER A 65 3.97 -14.41 -19.89
N LYS A 66 4.33 -14.45 -18.60
CA LYS A 66 4.44 -15.72 -17.90
C LYS A 66 3.18 -16.14 -17.19
N THR A 67 2.14 -15.29 -17.18
CA THR A 67 0.87 -15.73 -16.61
C THR A 67 0.11 -16.61 -17.62
N GLU A 68 -0.79 -17.43 -17.08
CA GLU A 68 -1.60 -18.36 -17.85
C GLU A 68 -2.50 -17.62 -18.84
N LYS A 69 -2.61 -18.16 -20.06
CA LYS A 69 -3.69 -17.79 -20.96
C LYS A 69 -4.96 -18.31 -20.30
N VAL A 70 -5.95 -17.46 -20.18
CA VAL A 70 -7.20 -17.88 -19.61
C VAL A 70 -8.20 -17.28 -20.54
N SER A 71 -9.44 -17.74 -20.48
CA SER A 71 -10.44 -17.20 -21.40
C SER A 71 -11.10 -15.95 -20.87
N PHE A 72 -11.73 -15.23 -21.78
CA PHE A 72 -12.40 -13.99 -21.46
C PHE A 72 -13.47 -14.24 -20.40
N PRO A 73 -13.44 -13.46 -19.30
CA PRO A 73 -14.33 -13.78 -18.18
C PRO A 73 -15.85 -13.56 -18.41
N PHE A 74 -16.23 -12.79 -19.42
CA PHE A 74 -17.65 -12.59 -19.70
C PHE A 74 -18.00 -13.39 -20.95
N ALA A 75 -18.46 -14.62 -20.76
CA ALA A 75 -18.60 -15.56 -21.86
C ALA A 75 -20.01 -15.62 -22.45
N ASN A 76 -20.99 -15.04 -21.74
CA ASN A 76 -22.42 -15.20 -22.08
C ASN A 76 -23.16 -13.91 -22.33
N GLY A 77 -22.45 -12.92 -22.88
CA GLY A 77 -23.01 -11.61 -23.15
C GLY A 77 -23.24 -10.75 -21.90
N GLY A 78 -24.19 -9.82 -22.02
CA GLY A 78 -24.55 -8.96 -20.92
C GLY A 78 -23.61 -7.79 -20.69
N VAL A 79 -22.66 -7.59 -21.60
CA VAL A 79 -21.72 -6.50 -21.50
C VAL A 79 -22.19 -5.42 -22.44
N SER A 80 -22.25 -4.20 -21.94
CA SER A 80 -22.68 -3.08 -22.76
C SER A 80 -21.76 -1.90 -22.58
N LEU A 81 -21.32 -1.33 -23.70
CA LEU A 81 -20.43 -0.20 -23.64
C LEU A 81 -20.96 0.83 -24.59
N GLU A 82 -21.43 1.96 -24.08
CA GLU A 82 -21.95 2.98 -24.98
C GLU A 82 -21.68 4.40 -24.54
N VAL A 83 -21.68 5.29 -25.52
CA VAL A 83 -21.47 6.69 -25.30
C VAL A 83 -22.77 7.38 -25.64
N SER A 84 -23.26 8.21 -24.73
CA SER A 84 -24.49 8.96 -24.97
C SER A 84 -24.54 10.20 -24.08
N GLY A 85 -25.06 11.30 -24.63
CA GLY A 85 -25.26 12.56 -23.91
C GLY A 85 -24.02 13.04 -23.19
N GLY A 86 -22.86 12.87 -23.83
CA GLY A 86 -21.58 13.32 -23.28
C GLY A 86 -20.91 12.41 -22.25
N LYS A 87 -21.45 11.23 -22.05
CA LYS A 87 -21.01 10.31 -21.01
C LYS A 87 -20.82 8.90 -21.57
N THR A 88 -20.08 8.07 -20.84
CA THR A 88 -19.82 6.70 -21.21
C THR A 88 -20.47 5.84 -20.18
N TYR A 89 -21.37 4.98 -20.64
CA TYR A 89 -22.17 4.10 -19.83
C TYR A 89 -21.60 2.68 -19.99
N LEU A 90 -21.21 2.07 -18.88
CA LEU A 90 -20.71 0.72 -18.94
C LEU A 90 -21.58 -0.15 -18.10
N ARG A 91 -21.81 -1.38 -18.59
CA ARG A 91 -22.50 -2.38 -17.79
C ARG A 91 -21.82 -3.74 -17.92
N PHE A 92 -21.56 -4.37 -16.78
CA PHE A 92 -20.95 -5.71 -16.73
C PHE A 92 -21.88 -6.58 -15.94
N PRO A 93 -22.14 -7.82 -16.42
CA PRO A 93 -23.11 -8.68 -15.75
C PRO A 93 -22.60 -9.29 -14.47
N LEU A 94 -23.54 -9.63 -13.61
CA LEU A 94 -23.30 -10.40 -12.42
C LEU A 94 -24.17 -11.66 -12.38
N GLN A 95 -23.62 -12.72 -11.79
CA GLN A 95 -24.33 -13.94 -11.46
C GLN A 95 -24.82 -13.89 -10.04
N LYS A 96 -25.77 -14.74 -9.69
CA LYS A 96 -26.29 -14.80 -8.32
C LYS A 96 -25.22 -15.04 -7.24
N GLU A 97 -24.29 -15.94 -7.47
CA GLU A 97 -23.26 -16.24 -6.44
C GLU A 97 -22.26 -15.07 -6.08
N GLU A 98 -22.14 -14.09 -6.98
CA GLU A 98 -20.98 -13.24 -7.03
C GLU A 98 -20.93 -12.23 -5.90
N GLN A 99 -19.75 -12.12 -5.32
CA GLN A 99 -19.41 -11.01 -4.46
C GLN A 99 -18.28 -10.18 -5.13
N LEU A 100 -18.18 -8.89 -4.76
CA LEU A 100 -17.26 -7.95 -5.37
C LEU A 100 -16.39 -7.30 -4.32
N TYR A 101 -15.14 -7.02 -4.70
CA TYR A 101 -14.15 -6.44 -3.84
C TYR A 101 -13.49 -5.29 -4.58
N GLY A 102 -12.94 -4.37 -3.81
CA GLY A 102 -12.20 -3.25 -4.37
C GLY A 102 -12.97 -1.95 -4.41
N PHE A 103 -12.88 -1.27 -5.55
CA PHE A 103 -13.23 0.12 -5.65
C PHE A 103 -12.44 0.99 -4.67
N GLY A 104 -11.17 0.67 -4.43
CA GLY A 104 -10.28 1.56 -3.75
C GLY A 104 -10.13 1.31 -2.27
N LEU A 105 -9.59 2.32 -1.59
CA LEU A 105 -9.18 2.17 -0.20
C LEU A 105 -10.36 2.50 0.71
N ASN A 106 -11.27 1.53 0.84
CA ASN A 106 -12.38 1.65 1.73
C ASN A 106 -12.00 1.27 3.16
N PHE A 107 -12.65 1.90 4.12
CA PHE A 107 -12.28 1.77 5.54
C PHE A 107 -13.30 1.02 6.42
N GLN A 108 -14.51 0.84 5.93
CA GLN A 108 -15.59 0.24 6.73
C GLN A 108 -16.29 -0.96 6.07
N THR A 109 -15.96 -1.22 4.80
CA THR A 109 -16.61 -2.23 4.02
C THR A 109 -15.54 -2.96 3.20
N VAL A 110 -15.75 -4.27 3.02
CA VAL A 110 -14.95 -5.09 2.12
C VAL A 110 -15.79 -5.71 1.00
N HIS A 111 -16.94 -6.27 1.31
CA HIS A 111 -17.88 -6.68 0.28
C HIS A 111 -18.48 -5.43 -0.35
N GLN A 112 -18.39 -5.34 -1.68
CA GLN A 112 -18.83 -4.17 -2.41
C GLN A 112 -20.13 -4.36 -3.22
N ARG A 113 -20.63 -5.59 -3.33
CA ARG A 113 -21.84 -5.77 -4.13
C ARG A 113 -23.01 -5.08 -3.42
N GLY A 114 -23.81 -4.32 -4.14
CA GLY A 114 -24.94 -3.64 -3.54
C GLY A 114 -24.58 -2.23 -3.08
N LYS A 115 -23.32 -1.83 -3.26
CA LYS A 115 -22.87 -0.48 -2.92
C LYS A 115 -22.98 0.51 -4.08
N ILE A 116 -23.18 1.78 -3.74
CA ILE A 116 -23.17 2.88 -4.69
C ILE A 116 -22.08 3.89 -4.31
N LEU A 117 -21.19 4.22 -5.24
CA LEU A 117 -20.02 5.02 -4.94
C LEU A 117 -19.78 6.07 -6.01
N GLU A 118 -19.22 7.20 -5.60
CA GLU A 118 -18.58 8.10 -6.55
C GLU A 118 -17.13 8.17 -6.19
N LEU A 119 -16.29 7.62 -7.04
CA LEU A 119 -14.84 7.53 -6.77
C LEU A 119 -14.21 8.90 -6.96
N HIS A 120 -13.61 9.42 -5.88
CA HIS A 120 -13.20 10.82 -5.78
C HIS A 120 -12.07 10.93 -4.77
N VAL A 121 -10.89 11.38 -5.21
CA VAL A 121 -9.78 11.51 -4.26
C VAL A 121 -10.17 12.48 -3.14
N ASP A 122 -9.93 12.09 -1.90
CA ASP A 122 -10.29 12.91 -0.74
C ASP A 122 -9.63 12.35 0.49
N HIS A 123 -9.46 13.18 1.51
CA HIS A 123 -9.18 12.62 2.82
C HIS A 123 -10.43 11.86 3.29
N TYR A 124 -10.22 10.68 3.88
CA TYR A 124 -11.33 9.86 4.32
C TYR A 124 -12.19 10.63 5.32
N GLY A 125 -13.50 10.59 5.08
CA GLY A 125 -14.44 11.39 5.83
C GLY A 125 -15.31 10.65 6.82
N GLY A 126 -15.02 9.40 7.14
CA GLY A 126 -15.78 8.68 8.15
C GLY A 126 -16.84 7.73 7.61
N LYS A 127 -17.03 7.68 6.30
CA LYS A 127 -17.87 6.66 5.69
C LYS A 127 -17.42 6.35 4.29
N ASP A 128 -17.77 5.14 3.84
CA ASP A 128 -17.40 4.64 2.52
C ASP A 128 -18.37 5.14 1.47
N SER A 129 -18.02 6.22 0.80
CA SER A 129 -18.84 6.74 -0.26
C SER A 129 -18.12 6.71 -1.62
N GLY A 130 -16.84 6.35 -1.62
CA GLY A 130 -15.95 6.53 -2.77
C GLY A 130 -14.92 7.67 -2.63
N ARG A 131 -15.15 8.52 -1.64
CA ARG A 131 -14.23 9.62 -1.30
C ARG A 131 -13.18 9.03 -0.38
N THR A 132 -11.97 8.82 -0.91
CA THR A 132 -10.90 8.24 -0.11
C THR A 132 -9.57 8.52 -0.77
N HIS A 133 -8.50 8.15 -0.10
CA HIS A 133 -7.14 8.50 -0.54
C HIS A 133 -6.75 7.91 -1.89
N ALA A 134 -7.19 6.69 -2.15
CA ALA A 134 -6.90 6.00 -3.43
C ALA A 134 -8.21 5.38 -3.87
N PRO A 135 -9.05 6.15 -4.60
CA PRO A 135 -10.33 5.59 -5.00
C PRO A 135 -10.19 4.78 -6.32
N THR A 136 -9.35 3.75 -6.28
CA THR A 136 -8.95 3.00 -7.47
C THR A 136 -10.16 2.45 -8.23
N PRO A 137 -10.30 2.81 -9.52
CA PRO A 137 -11.46 2.31 -10.27
C PRO A 137 -11.26 0.88 -10.84
N PHE A 138 -11.04 -0.05 -9.91
CA PHE A 138 -10.71 -1.42 -10.18
C PHE A 138 -11.52 -2.25 -9.20
N TYR A 139 -12.23 -3.26 -9.68
CA TYR A 139 -12.92 -4.17 -8.81
C TYR A 139 -12.65 -5.58 -9.25
N VAL A 140 -12.76 -6.48 -8.27
CA VAL A 140 -12.50 -7.89 -8.42
C VAL A 140 -13.72 -8.67 -8.01
N SER A 141 -14.00 -9.74 -8.73
CA SER A 141 -15.10 -10.64 -8.40
C SER A 141 -14.59 -11.94 -7.78
N SER A 142 -15.40 -12.48 -6.88
CA SER A 142 -15.19 -13.81 -6.33
C SER A 142 -15.17 -14.90 -7.41
N ASN A 143 -15.75 -14.64 -8.58
CA ASN A 143 -15.64 -15.58 -9.72
C ASN A 143 -14.28 -15.54 -10.44
N GLY A 144 -13.40 -14.64 -10.03
CA GLY A 144 -12.03 -14.64 -10.53
C GLY A 144 -11.79 -13.81 -11.78
N TYR A 145 -12.22 -12.56 -11.74
CA TYR A 145 -11.91 -11.61 -12.82
C TYR A 145 -11.88 -10.24 -12.20
N GLY A 146 -11.40 -9.27 -12.97
CA GLY A 146 -11.36 -7.90 -12.53
C GLY A 146 -11.60 -6.98 -13.69
N VAL A 147 -11.93 -5.74 -13.37
CA VAL A 147 -12.23 -4.70 -14.34
C VAL A 147 -11.61 -3.41 -13.87
N PHE A 148 -10.88 -2.73 -14.74
CA PHE A 148 -10.29 -1.42 -14.44
C PHE A 148 -10.79 -0.38 -15.46
N ILE A 149 -11.28 0.74 -14.94
CA ILE A 149 -11.76 1.85 -15.77
C ILE A 149 -10.71 2.93 -15.76
N ASN A 150 -10.03 3.10 -16.89
CA ASN A 150 -8.88 4.00 -16.94
C ASN A 150 -9.30 5.39 -17.29
N SER A 151 -9.91 6.06 -16.30
CA SER A 151 -10.25 7.48 -16.41
C SER A 151 -9.77 8.26 -15.20
N ALA A 152 -9.28 9.47 -15.40
CA ALA A 152 -8.92 10.36 -14.32
C ALA A 152 -10.07 11.29 -13.94
N ARG A 153 -11.28 10.98 -14.36
CA ARG A 153 -12.45 11.71 -13.88
C ARG A 153 -12.99 11.09 -12.57
N TYR A 154 -13.89 11.81 -11.91
CA TYR A 154 -14.72 11.23 -10.87
C TYR A 154 -15.66 10.23 -11.56
N ILE A 155 -15.82 9.05 -10.99
CA ILE A 155 -16.54 7.95 -11.66
C ILE A 155 -17.62 7.45 -10.76
N LYS A 156 -18.82 7.32 -11.30
CA LYS A 156 -19.95 6.81 -10.53
C LYS A 156 -20.14 5.32 -10.74
N VAL A 157 -20.42 4.62 -9.64
CA VAL A 157 -20.52 3.16 -9.64
C VAL A 157 -21.78 2.71 -8.92
N TRP A 158 -22.56 1.87 -9.62
CA TRP A 158 -23.71 1.20 -9.01
C TRP A 158 -23.38 -0.29 -9.07
N ALA A 159 -22.95 -0.85 -7.95
CA ALA A 159 -22.34 -2.16 -8.00
C ALA A 159 -23.38 -3.24 -7.73
N GLY A 160 -24.30 -3.37 -8.68
CA GLY A 160 -25.46 -4.25 -8.48
C GLY A 160 -26.56 -3.65 -7.64
N THR A 161 -27.05 -2.47 -8.05
CA THR A 161 -28.26 -1.91 -7.46
C THR A 161 -29.34 -1.63 -8.48
N GLY A 162 -28.97 -1.34 -9.73
CA GLY A 162 -29.95 -1.09 -10.79
C GLY A 162 -30.73 -2.33 -11.16
N VAL A 163 -32.04 -2.17 -11.35
CA VAL A 163 -32.93 -3.25 -11.75
C VAL A 163 -33.58 -2.86 -13.05
N ARG A 164 -33.15 -3.51 -14.13
CA ARG A 164 -33.54 -3.09 -15.47
C ARG A 164 -34.83 -3.78 -15.93
N LYS A 165 -35.74 -3.04 -16.57
CA LYS A 165 -37.03 -3.63 -16.99
C LYS A 165 -36.81 -4.77 -18.01
N ASP A 166 -35.79 -4.61 -18.85
CA ASP A 166 -35.42 -5.63 -19.85
C ASP A 166 -34.35 -6.61 -19.35
N SER A 167 -34.10 -6.70 -18.05
CA SER A 167 -33.18 -7.72 -17.52
C SER A 167 -33.70 -9.13 -17.77
N GLU A 168 -32.76 -10.07 -17.87
CA GLU A 168 -33.09 -11.49 -18.01
C GLU A 168 -33.39 -12.06 -16.67
N ASN A 169 -33.17 -11.28 -15.61
CA ASN A 169 -33.44 -11.68 -14.26
C ASN A 169 -34.32 -10.63 -13.59
N PHE A 170 -35.29 -10.12 -14.30
CA PHE A 170 -36.18 -9.11 -13.75
C PHE A 170 -37.12 -9.78 -12.78
N PRO A 171 -37.00 -9.47 -11.47
CA PRO A 171 -37.89 -10.11 -10.50
C PRO A 171 -39.36 -9.80 -10.76
N THR A 172 -40.23 -10.73 -10.39
CA THR A 172 -41.67 -10.57 -10.56
C THR A 172 -42.17 -9.50 -9.62
N PRO A 173 -42.86 -8.49 -10.14
CA PRO A 173 -43.41 -7.48 -9.24
C PRO A 173 -44.29 -8.08 -8.16
N LYS A 174 -44.17 -7.55 -6.95
CA LYS A 174 -44.99 -7.96 -5.82
C LYS A 174 -45.79 -6.80 -5.29
N ASP A 175 -46.88 -7.16 -4.62
CA ASP A 175 -47.82 -6.17 -4.08
C ASP A 175 -47.45 -6.00 -2.62
N ARG A 176 -46.86 -4.86 -2.33
CA ARG A 176 -46.47 -4.59 -0.97
C ARG A 176 -47.66 -4.59 0.00
N ASN A 177 -48.86 -4.25 -0.49
CA ASN A 177 -50.03 -4.25 0.40
C ASN A 177 -50.29 -5.62 1.04
N THR A 178 -50.04 -6.70 0.30
CA THR A 178 -50.44 -8.07 0.70
C THR A 178 -49.32 -9.10 0.87
N ASP A 179 -48.14 -8.82 0.32
CA ASP A 179 -47.09 -9.82 0.24
C ASP A 179 -45.96 -9.45 1.15
N LYS A 180 -45.80 -10.24 2.19
CA LYS A 180 -44.75 -10.01 3.18
C LYS A 180 -43.33 -10.31 2.66
N THR A 181 -43.21 -10.92 1.47
CA THR A 181 -41.89 -11.16 0.86
C THR A 181 -41.43 -10.01 -0.04
N TRP A 182 -42.25 -8.96 -0.14
CA TRP A 182 -41.90 -7.77 -0.93
C TRP A 182 -40.51 -7.27 -0.50
N SER A 183 -39.67 -6.90 -1.46
CA SER A 183 -38.30 -6.45 -1.15
C SER A 183 -38.10 -4.98 -1.46
N SER A 184 -37.51 -4.25 -0.51
CA SER A 184 -37.20 -2.83 -0.73
C SER A 184 -35.99 -2.63 -1.65
N ARG A 185 -35.21 -3.67 -1.83
CA ARG A 185 -34.06 -3.66 -2.70
C ARG A 185 -34.04 -4.92 -3.57
N PRO A 186 -34.86 -4.94 -4.64
CA PRO A 186 -34.96 -6.15 -5.45
C PRO A 186 -33.65 -6.54 -6.16
N TYR A 187 -33.59 -7.80 -6.62
CA TYR A 187 -32.38 -8.39 -7.17
C TYR A 187 -31.84 -7.60 -8.36
N SER A 188 -30.56 -7.26 -8.30
CA SER A 188 -29.85 -6.57 -9.37
C SER A 188 -28.76 -7.47 -9.96
N ASP A 189 -28.67 -7.49 -11.30
CA ASP A 189 -27.80 -8.44 -12.04
C ASP A 189 -26.66 -7.79 -12.81
N ALA A 190 -26.25 -6.58 -12.42
CA ALA A 190 -25.16 -5.91 -13.14
C ALA A 190 -24.43 -4.81 -12.38
N VAL A 191 -23.15 -4.65 -12.69
CA VAL A 191 -22.38 -3.50 -12.25
C VAL A 191 -22.57 -2.46 -13.34
N GLU A 192 -22.96 -1.25 -12.94
CA GLU A 192 -23.14 -0.17 -13.85
C GLU A 192 -22.20 0.99 -13.48
N ILE A 193 -21.54 1.53 -14.49
CA ILE A 193 -20.57 2.56 -14.28
C ILE A 193 -20.79 3.71 -15.27
N LEU A 194 -20.72 4.93 -14.77
CA LEU A 194 -20.91 6.11 -15.57
C LEU A 194 -19.65 6.97 -15.49
N VAL A 195 -19.05 7.25 -16.64
CA VAL A 195 -17.85 8.06 -16.77
C VAL A 195 -18.21 9.38 -17.46
N PRO A 196 -17.88 10.52 -16.84
CA PRO A 196 -18.30 11.76 -17.47
C PRO A 196 -17.35 12.17 -18.58
N ALA A 197 -17.35 11.43 -19.70
CA ALA A 197 -16.50 11.77 -20.84
C ALA A 197 -17.02 11.05 -22.06
N GLU A 198 -16.53 11.45 -23.23
CA GLU A 198 -17.01 10.95 -24.52
C GLU A 198 -16.42 9.59 -24.89
N GLY A 199 -15.72 8.97 -23.95
CA GLY A 199 -15.29 7.60 -24.12
C GLY A 199 -14.36 7.23 -23.00
N VAL A 200 -13.91 5.98 -23.02
CA VAL A 200 -12.99 5.50 -21.99
C VAL A 200 -12.28 4.22 -22.41
N GLU A 201 -11.05 4.04 -21.92
CA GLU A 201 -10.38 2.74 -21.97
C GLU A 201 -10.78 1.89 -20.80
N VAL A 202 -11.14 0.64 -21.07
CA VAL A 202 -11.45 -0.32 -20.04
C VAL A 202 -10.54 -1.55 -20.18
N TYR A 203 -10.08 -2.05 -19.04
CA TYR A 203 -9.33 -3.29 -18.99
C TYR A 203 -10.03 -4.34 -18.18
N VAL A 204 -10.02 -5.57 -18.68
CA VAL A 204 -10.57 -6.72 -18.01
C VAL A 204 -9.45 -7.72 -17.78
N PHE A 205 -9.45 -8.32 -16.60
CA PHE A 205 -8.40 -9.21 -16.17
C PHE A 205 -9.03 -10.54 -15.87
N GLY A 206 -8.44 -11.61 -16.43
CA GLY A 206 -8.91 -12.96 -16.18
C GLY A 206 -8.36 -13.54 -14.90
N GLY A 207 -8.80 -14.76 -14.63
CA GLY A 207 -8.50 -15.44 -13.38
C GLY A 207 -7.42 -16.50 -13.52
N PRO A 208 -7.71 -17.73 -13.11
CA PRO A 208 -9.03 -18.20 -12.68
C PRO A 208 -9.47 -17.77 -11.26
N LYS A 209 -8.53 -17.32 -10.45
CA LYS A 209 -8.85 -16.88 -9.08
C LYS A 209 -8.82 -15.34 -8.93
N PRO A 210 -9.55 -14.82 -7.92
CA PRO A 210 -9.52 -13.37 -7.66
C PRO A 210 -8.08 -12.83 -7.58
N ILE A 211 -7.22 -13.54 -6.87
CA ILE A 211 -5.83 -13.07 -6.72
C ILE A 211 -5.12 -12.99 -8.06
N ASP A 212 -5.48 -13.86 -9.00
CA ASP A 212 -4.85 -13.81 -10.34
C ASP A 212 -5.20 -12.53 -11.06
N ALA A 213 -6.44 -12.07 -10.91
CA ALA A 213 -6.86 -10.84 -11.55
C ALA A 213 -6.14 -9.63 -10.94
N VAL A 214 -5.97 -9.65 -9.62
CA VAL A 214 -5.26 -8.55 -8.94
C VAL A 214 -3.79 -8.51 -9.39
N LYS A 215 -3.18 -9.68 -9.48
CA LYS A 215 -1.76 -9.74 -9.88
C LYS A 215 -1.57 -9.17 -11.29
N ARG A 216 -2.45 -9.54 -12.21
CA ARG A 216 -2.37 -9.03 -13.59
C ARG A 216 -2.59 -7.54 -13.65
N TYR A 217 -3.57 -7.05 -12.88
CA TYR A 217 -3.77 -5.60 -12.75
C TYR A 217 -2.51 -4.91 -12.24
N ASN A 218 -1.94 -5.42 -11.16
CA ASN A 218 -0.73 -4.80 -10.63
C ASN A 218 0.46 -4.86 -11.59
N LEU A 219 0.61 -5.97 -12.29
CA LEU A 219 1.66 -6.07 -13.34
C LEU A 219 1.45 -5.11 -14.48
N LEU A 220 0.19 -4.87 -14.84
CA LEU A 220 -0.10 -3.94 -15.92
C LEU A 220 0.37 -2.55 -15.52
N ASN A 221 0.31 -2.31 -14.21
CA ASN A 221 0.79 -1.06 -13.62
C ASN A 221 2.30 -0.99 -13.48
N GLY A 222 3.02 -2.09 -13.75
CA GLY A 222 4.47 -2.12 -13.54
C GLY A 222 4.94 -3.01 -12.41
N GLY A 223 4.01 -3.68 -11.72
CA GLY A 223 4.32 -4.35 -10.46
C GLY A 223 4.53 -3.36 -9.31
N GLY A 224 4.50 -3.85 -8.08
CA GLY A 224 4.82 -2.97 -6.95
C GLY A 224 6.26 -2.47 -7.04
N TYR A 225 6.57 -1.38 -6.32
CA TYR A 225 7.97 -0.97 -6.16
C TYR A 225 8.75 -2.01 -5.38
N LEU A 226 9.99 -2.23 -5.75
CA LEU A 226 10.89 -3.03 -4.95
C LEU A 226 11.56 -2.10 -3.91
N PRO A 227 11.12 -2.17 -2.65
CA PRO A 227 11.63 -1.20 -1.67
C PRO A 227 13.07 -1.48 -1.29
N PRO A 228 13.77 -0.47 -0.80
CA PRO A 228 15.04 -0.72 -0.13
C PRO A 228 14.80 -1.48 1.16
N ARG A 229 15.77 -2.28 1.60
CA ARG A 229 15.65 -2.98 2.87
C ARG A 229 15.45 -1.99 4.03
N TRP A 230 16.11 -0.84 3.94
CA TRP A 230 16.00 0.15 5.00
C TRP A 230 14.59 0.69 5.15
N GLY A 231 13.85 0.66 4.04
CA GLY A 231 12.45 1.06 4.06
C GLY A 231 11.58 0.14 4.91
N LEU A 232 12.02 -1.10 5.12
CA LEU A 232 11.28 -2.07 5.92
C LEU A 232 11.68 -2.09 7.41
N GLY A 233 12.54 -1.15 7.81
CA GLY A 233 12.98 -1.03 9.21
C GLY A 233 12.04 -0.12 9.94
N PHE A 234 12.47 0.37 11.11
CA PHE A 234 11.62 1.24 11.87
C PHE A 234 11.84 2.71 11.51
N THR A 235 10.73 3.46 11.43
CA THR A 235 10.80 4.89 11.29
C THR A 235 10.07 5.65 12.40
N GLN A 236 10.76 6.66 12.93
CA GLN A 236 10.21 7.57 13.91
C GLN A 236 10.07 8.96 13.29
N ARG A 237 8.86 9.51 13.25
CA ARG A 237 8.69 10.91 12.87
C ARG A 237 8.64 11.71 14.16
N VAL A 238 9.33 12.83 14.18
CA VAL A 238 9.51 13.63 15.41
C VAL A 238 8.66 14.90 15.34
N MET A 239 8.52 15.59 16.47
CA MET A 239 7.64 16.77 16.52
C MET A 239 8.03 17.85 15.54
N THR A 240 7.03 18.57 15.05
CA THR A 240 7.20 19.64 14.07
C THR A 240 8.37 20.60 14.33
N ARG A 241 8.54 20.94 15.60
CA ARG A 241 9.47 21.95 16.06
C ARG A 241 10.89 21.44 16.28
N TYR A 242 11.16 20.14 16.14
CA TYR A 242 12.50 19.63 16.47
C TYR A 242 13.57 20.35 15.67
N THR A 243 14.67 20.66 16.35
CA THR A 243 15.88 21.14 15.70
C THR A 243 16.77 19.95 15.33
N ASP A 244 17.82 20.24 14.55
CA ASP A 244 18.84 19.26 14.27
C ASP A 244 19.37 18.61 15.55
N LYS A 245 19.66 19.42 16.57
CA LYS A 245 20.12 18.89 17.85
C LYS A 245 19.08 17.99 18.52
N ASP A 246 17.80 18.34 18.41
CA ASP A 246 16.77 17.51 19.03
C ASP A 246 16.74 16.12 18.34
N VAL A 247 16.91 16.09 17.01
CA VAL A 247 16.93 14.84 16.28
C VAL A 247 18.14 13.98 16.67
N GLU A 248 19.31 14.60 16.80
CA GLU A 248 20.51 13.87 17.17
C GLU A 248 20.36 13.25 18.53
N LYS A 249 19.77 13.99 19.47
CA LYS A 249 19.51 13.41 20.77
C LYS A 249 18.54 12.22 20.68
N GLU A 250 17.47 12.36 19.89
CA GLU A 250 16.49 11.29 19.85
C GLU A 250 17.12 10.04 19.26
N VAL A 251 17.95 10.24 18.24
CA VAL A 251 18.73 9.14 17.66
C VAL A 251 19.61 8.47 18.72
N ASN A 252 20.32 9.27 19.49
CA ASN A 252 21.13 8.70 20.57
C ASN A 252 20.30 7.94 21.59
N ASP A 253 19.10 8.44 21.91
CA ASP A 253 18.25 7.69 22.84
C ASP A 253 17.80 6.35 22.26
N PHE A 254 17.50 6.30 20.96
CA PHE A 254 17.17 5.01 20.34
C PHE A 254 18.31 4.02 20.53
N LYS A 255 19.51 4.48 20.19
CA LYS A 255 20.68 3.63 20.29
C LYS A 255 20.90 3.19 21.75
N GLU A 256 20.98 4.15 22.67
CA GLU A 256 21.15 3.87 24.10
C GLU A 256 20.12 2.86 24.65
N LYS A 257 18.86 3.00 24.28
CA LYS A 257 17.82 2.10 24.77
C LYS A 257 17.69 0.76 24.01
N GLY A 258 18.43 0.63 22.91
CA GLY A 258 18.44 -0.60 22.13
C GLY A 258 17.20 -0.83 21.27
N TYR A 259 16.58 0.26 20.78
CA TYR A 259 15.49 0.17 19.86
C TYR A 259 15.98 0.36 18.43
N PRO A 260 15.41 -0.42 17.50
CA PRO A 260 15.73 -0.21 16.07
C PRO A 260 15.30 1.12 15.48
N LEU A 261 16.06 1.58 14.50
CA LEU A 261 15.75 2.81 13.76
C LEU A 261 16.55 2.83 12.46
N ASP A 262 15.85 3.02 11.36
CA ASP A 262 16.49 3.15 10.05
C ASP A 262 16.30 4.54 9.47
N PHE A 263 15.13 5.12 9.68
CA PHE A 263 14.89 6.47 9.18
C PHE A 263 14.03 7.35 10.06
N VAL A 264 14.42 8.62 10.12
CA VAL A 264 13.68 9.58 10.89
C VAL A 264 12.87 10.48 9.96
N GLY A 265 11.62 10.71 10.32
CA GLY A 265 10.77 11.67 9.62
C GLY A 265 10.85 13.08 10.18
N LEU A 266 11.18 14.03 9.32
CA LEU A 266 11.10 15.44 9.71
C LEU A 266 9.76 16.00 9.24
N GLU A 267 9.19 16.84 10.09
CA GLU A 267 7.86 17.38 9.90
C GLU A 267 8.05 18.84 9.48
N PRO A 268 6.96 19.63 9.36
CA PRO A 268 7.07 20.92 8.66
C PRO A 268 8.17 21.89 9.14
N GLY A 269 8.60 21.81 10.39
CA GLY A 269 9.66 22.69 10.89
C GLY A 269 11.03 22.58 10.23
N TRP A 270 11.26 21.59 9.36
CA TRP A 270 12.53 21.57 8.61
C TRP A 270 12.60 22.66 7.57
N GLN A 271 11.42 23.14 7.12
CA GLN A 271 11.39 24.21 6.12
C GLN A 271 11.42 25.59 6.76
N SER A 272 11.97 26.57 6.05
CA SER A 272 12.03 27.94 6.60
C SER A 272 10.63 28.58 6.68
N LYS A 273 9.73 28.14 5.81
CA LYS A 273 8.30 28.36 6.00
C LYS A 273 7.50 27.12 5.56
N ALA A 274 6.35 26.92 6.19
CA ALA A 274 5.44 25.82 5.81
C ALA A 274 3.98 26.31 5.77
N TYR A 275 3.20 25.68 4.90
CA TYR A 275 1.81 26.02 4.67
C TYR A 275 1.60 27.52 4.36
N PRO A 276 2.16 28.00 3.25
CA PRO A 276 2.89 27.27 2.23
C PRO A 276 4.42 27.19 2.45
N GLY A 277 5.06 26.40 1.61
CA GLY A 277 6.41 25.96 1.83
C GLY A 277 7.46 26.63 0.98
N THR A 278 8.65 26.69 1.52
CA THR A 278 9.83 27.21 0.82
C THR A 278 10.69 26.10 0.23
N PHE A 279 10.52 24.87 0.72
CA PHE A 279 11.30 23.75 0.22
C PHE A 279 12.81 23.99 0.41
N SER A 280 13.13 24.61 1.52
CA SER A 280 14.43 25.09 1.82
C SER A 280 14.63 24.98 3.33
N TRP A 281 15.82 24.58 3.76
CA TRP A 281 16.04 24.24 5.16
C TRP A 281 16.01 25.47 6.03
N ASP A 282 15.29 25.41 7.13
CA ASP A 282 15.23 26.53 8.07
C ASP A 282 16.61 26.75 8.66
N LYS A 283 17.04 28.02 8.65
CA LYS A 283 18.39 28.38 9.07
C LYS A 283 18.60 28.31 10.57
N SER A 284 17.56 28.56 11.36
CA SER A 284 17.67 28.47 12.80
C SER A 284 17.56 27.04 13.31
N ARG A 285 16.65 26.22 12.77
CA ARG A 285 16.51 24.84 13.30
C ARG A 285 17.47 23.86 12.63
N TYR A 286 17.87 24.15 11.40
CA TYR A 286 18.80 23.33 10.64
C TYR A 286 19.90 24.21 10.02
N PRO A 287 20.75 24.79 10.88
CA PRO A 287 21.79 25.74 10.37
C PRO A 287 22.78 25.14 9.36
N ASP A 288 23.12 23.87 9.51
CA ASP A 288 24.04 23.20 8.60
C ASP A 288 23.42 21.89 8.05
N PRO A 289 22.54 22.00 7.03
CA PRO A 289 21.86 20.80 6.51
C PRO A 289 22.81 19.69 6.04
N THR A 290 23.83 20.07 5.29
CA THR A 290 24.76 19.07 4.76
C THR A 290 25.42 18.26 5.85
N SER A 291 25.93 18.97 6.84
CA SER A 291 26.55 18.30 8.00
C SER A 291 25.55 17.46 8.79
N PHE A 292 24.35 17.98 9.02
CA PHE A 292 23.31 17.21 9.71
C PHE A 292 22.96 15.90 9.00
N VAL A 293 22.67 15.98 7.71
CA VAL A 293 22.25 14.80 6.97
C VAL A 293 23.37 13.73 7.00
N LYS A 294 24.61 14.19 6.85
CA LYS A 294 25.76 13.30 6.86
C LYS A 294 25.97 12.65 8.21
N LYS A 295 25.85 13.43 9.28
CA LYS A 295 26.02 12.88 10.63
C LYS A 295 25.04 11.75 10.93
N MET A 296 23.79 11.96 10.50
CA MET A 296 22.73 10.97 10.65
C MET A 296 23.01 9.73 9.84
N LYS A 297 23.35 9.92 8.58
CA LYS A 297 23.68 8.83 7.69
C LYS A 297 24.90 8.05 8.24
N ASP A 298 25.93 8.73 8.75
CA ASP A 298 27.06 8.00 9.35
C ASP A 298 26.64 7.17 10.57
N GLN A 299 25.56 7.51 11.23
CA GLN A 299 25.03 6.64 12.29
C GLN A 299 23.99 5.63 11.82
N GLY A 300 23.92 5.37 10.52
CA GLY A 300 22.91 4.44 9.98
C GLY A 300 21.51 5.04 9.79
N ILE A 301 21.36 6.35 9.99
CA ILE A 301 20.03 6.97 10.03
C ILE A 301 19.70 7.83 8.79
N ARG A 302 18.72 7.37 8.02
CA ARG A 302 18.21 8.14 6.88
C ARG A 302 17.16 9.16 7.29
N LEU A 303 16.90 10.15 6.44
CA LEU A 303 15.88 11.17 6.72
C LEU A 303 14.79 11.17 5.67
N ASN A 304 13.54 11.35 6.12
CA ASN A 304 12.40 11.43 5.23
C ASN A 304 11.68 12.71 5.54
N LEU A 305 11.55 13.62 4.54
CA LEU A 305 11.07 14.96 4.76
C LEU A 305 9.61 15.17 4.34
N TRP A 306 8.83 15.71 5.24
CA TRP A 306 7.49 16.19 4.99
C TRP A 306 7.50 17.29 3.95
N ILE A 307 6.59 17.19 2.99
CA ILE A 307 6.22 18.32 2.14
C ILE A 307 4.71 18.27 1.87
N ASN A 308 4.10 19.43 1.69
CA ASN A 308 2.97 19.51 0.80
C ASN A 308 3.49 20.32 -0.39
N PRO A 309 2.87 20.20 -1.58
CA PRO A 309 3.44 20.83 -2.76
C PRO A 309 2.99 22.24 -3.03
N TYR A 310 2.65 22.98 -1.98
CA TYR A 310 2.05 24.29 -2.14
C TYR A 310 3.09 25.36 -1.84
N ILE A 311 3.22 26.34 -2.74
CA ILE A 311 4.42 27.18 -2.86
C ILE A 311 4.31 28.55 -2.21
N SER A 312 5.23 28.83 -1.28
CA SER A 312 5.39 30.12 -0.63
C SER A 312 5.99 31.20 -1.53
N PRO A 313 5.58 32.48 -1.34
CA PRO A 313 6.26 33.56 -2.06
C PRO A 313 7.73 33.61 -1.69
N ASP A 314 8.14 33.00 -0.60
CA ASP A 314 9.56 32.95 -0.25
C ASP A 314 10.32 31.75 -0.77
N ALA A 315 9.67 30.86 -1.50
CA ALA A 315 10.41 29.75 -2.07
C ALA A 315 11.33 30.34 -3.15
N PRO A 316 12.53 29.76 -3.32
CA PRO A 316 13.49 30.38 -4.23
C PRO A 316 13.09 30.28 -5.70
N PHE A 317 12.12 29.43 -6.05
CA PHE A 317 11.73 29.26 -7.44
C PHE A 317 10.33 29.81 -7.67
N TYR A 318 9.83 30.56 -6.71
CA TYR A 318 8.45 31.08 -6.74
C TYR A 318 8.13 31.83 -8.03
N LYS A 319 8.96 32.81 -8.38
CA LYS A 319 8.67 33.66 -9.52
C LYS A 319 8.73 32.86 -10.79
N GLU A 320 9.73 31.99 -10.89
CA GLU A 320 9.82 31.11 -12.03
C GLU A 320 8.55 30.23 -12.21
N ILE A 321 8.02 29.71 -11.10
CA ILE A 321 6.98 28.66 -11.22
C ILE A 321 5.58 29.26 -11.33
N LYS A 322 5.44 30.49 -10.86
CA LYS A 322 4.12 31.11 -10.69
C LYS A 322 3.20 31.07 -11.92
N PRO A 323 3.75 31.32 -13.13
CA PRO A 323 2.85 31.21 -14.30
C PRO A 323 2.37 29.79 -14.58
N TYR A 324 3.06 28.78 -14.04
CA TYR A 324 2.67 27.37 -14.24
C TYR A 324 1.94 26.78 -13.00
N THR A 325 1.19 27.63 -12.31
CA THR A 325 0.37 27.19 -11.17
C THR A 325 -1.12 27.50 -11.45
N GLY A 326 -2.01 26.81 -10.71
CA GLY A 326 -3.45 26.94 -10.94
C GLY A 326 -4.03 28.25 -10.44
N SER A 327 -5.30 28.51 -10.77
CA SER A 327 -6.01 29.71 -10.29
C SER A 327 -6.20 29.79 -8.75
N HIS A 328 -6.31 28.64 -8.08
CA HIS A 328 -6.66 28.60 -6.67
C HIS A 328 -5.52 28.09 -5.82
N THR A 329 -5.46 28.52 -4.58
CA THR A 329 -4.36 28.19 -3.67
C THR A 329 -4.84 27.20 -2.62
N VAL A 330 -3.89 26.51 -1.99
CA VAL A 330 -4.19 25.65 -0.83
C VAL A 330 -3.33 26.16 0.30
N TRP A 331 -4.01 26.53 1.38
CA TRP A 331 -3.43 27.31 2.49
C TRP A 331 -2.52 28.46 2.04
N LEU A 332 -2.98 29.20 1.05
CA LEU A 332 -2.28 30.38 0.54
C LEU A 332 -1.01 30.03 -0.26
N GLY A 333 -0.85 28.75 -0.63
CA GLY A 333 0.22 28.33 -1.49
C GLY A 333 -0.22 28.09 -2.92
N LEU A 334 0.64 28.45 -3.86
CA LEU A 334 0.33 28.17 -5.26
C LEU A 334 0.39 26.66 -5.51
N VAL A 335 -0.39 26.20 -6.48
CA VAL A 335 -0.52 24.78 -6.80
C VAL A 335 0.11 24.56 -8.15
N PRO A 336 1.32 23.96 -8.18
CA PRO A 336 1.93 23.72 -9.48
C PRO A 336 1.16 22.76 -10.36
N ASP A 337 1.10 23.06 -11.65
CA ASP A 337 0.57 22.15 -12.63
C ASP A 337 1.68 21.22 -13.06
N PHE A 338 1.75 20.06 -12.39
CA PHE A 338 2.84 19.14 -12.60
C PHE A 338 2.72 18.38 -13.91
N THR A 339 1.64 18.59 -14.68
CA THR A 339 1.63 18.06 -16.05
C THR A 339 2.51 18.89 -17.01
N MET A 340 2.95 20.06 -16.58
CA MET A 340 3.79 20.97 -17.37
C MET A 340 5.27 20.88 -16.97
N ALA A 341 6.16 20.65 -17.95
CA ALA A 341 7.62 20.59 -17.68
C ALA A 341 8.09 21.86 -16.95
N GLU A 342 7.42 22.97 -17.22
CA GLU A 342 7.81 24.29 -16.70
C GLU A 342 7.56 24.46 -15.21
N ALA A 343 6.65 23.64 -14.67
CA ALA A 343 6.42 23.59 -13.23
C ALA A 343 7.33 22.54 -12.59
N ARG A 344 7.46 21.40 -13.23
CA ARG A 344 8.26 20.30 -12.68
C ARG A 344 9.75 20.68 -12.52
N LYS A 345 10.30 21.33 -13.54
CA LYS A 345 11.73 21.56 -13.56
C LYS A 345 12.15 22.34 -12.30
N PRO A 346 11.55 23.51 -12.04
CA PRO A 346 11.96 24.25 -10.85
C PRO A 346 11.63 23.53 -9.53
N PHE A 347 10.46 22.91 -9.44
CA PHE A 347 10.05 22.30 -8.19
C PHE A 347 10.99 21.16 -7.83
N PHE A 348 11.15 20.24 -8.76
CA PHE A 348 11.96 19.05 -8.54
C PHE A 348 13.49 19.31 -8.58
N ASN A 349 13.91 20.36 -9.26
CA ASN A 349 15.30 20.79 -9.18
C ASN A 349 15.65 21.23 -7.75
N GLN A 350 14.72 21.92 -7.09
CA GLN A 350 14.95 22.37 -5.73
C GLN A 350 15.05 21.21 -4.76
N LEU A 351 14.13 20.26 -4.87
CA LEU A 351 14.27 19.03 -4.06
C LEU A 351 15.63 18.34 -4.29
N LEU A 352 15.99 18.18 -5.55
CA LEU A 352 17.22 17.49 -5.92
C LEU A 352 18.45 18.16 -5.33
N LYS A 353 18.59 19.45 -5.62
CA LYS A 353 19.78 20.20 -5.26
C LYS A 353 19.91 20.50 -3.78
N ASP A 354 18.80 20.86 -3.15
CA ASP A 354 18.84 21.27 -1.76
C ASP A 354 18.71 20.11 -0.76
N GLN A 355 18.13 18.98 -1.18
CA GLN A 355 17.89 17.88 -0.24
C GLN A 355 18.46 16.54 -0.69
N ILE A 356 18.03 16.05 -1.84
CA ILE A 356 18.43 14.72 -2.30
C ILE A 356 19.97 14.68 -2.43
N GLU A 357 20.56 15.71 -3.04
CA GLU A 357 22.03 15.72 -3.17
C GLU A 357 22.77 15.91 -1.85
N ARG A 358 22.09 16.27 -0.77
CA ARG A 358 22.70 16.26 0.57
C ARG A 358 22.62 14.90 1.27
N GLY A 359 21.83 13.97 0.72
CA GLY A 359 21.66 12.64 1.32
C GLY A 359 20.23 12.31 1.78
N VAL A 360 19.29 13.25 1.68
CA VAL A 360 17.89 12.97 2.05
C VAL A 360 17.35 11.75 1.31
N SER A 361 16.79 10.81 2.06
CA SER A 361 16.42 9.51 1.51
C SER A 361 15.05 9.47 0.82
N GLY A 362 14.17 10.39 1.21
CA GLY A 362 12.81 10.35 0.72
C GLY A 362 11.89 11.38 1.33
N TYR A 363 10.61 11.29 0.98
CA TYR A 363 9.61 12.30 1.29
C TYR A 363 8.29 11.74 1.84
N LYS A 364 7.57 12.62 2.52
CA LYS A 364 6.21 12.35 2.97
C LYS A 364 5.37 13.40 2.30
N ILE A 365 4.55 12.96 1.34
CA ILE A 365 3.79 13.86 0.50
C ILE A 365 2.38 14.01 1.07
N ALA A 366 2.18 15.10 1.80
CA ALA A 366 0.95 15.34 2.52
C ALA A 366 -0.04 16.20 1.78
N GLU A 367 -1.33 16.03 2.07
CA GLU A 367 -2.34 17.02 1.75
C GLU A 367 -2.54 17.25 0.25
N VAL A 368 -2.41 16.13 -0.48
CA VAL A 368 -2.68 16.02 -1.90
C VAL A 368 -4.01 15.30 -2.14
N ASP A 369 -4.81 15.18 -1.09
CA ASP A 369 -6.11 14.49 -1.14
C ASP A 369 -7.36 15.34 -0.92
N GLY A 370 -7.37 16.12 0.16
CA GLY A 370 -8.59 16.85 0.58
C GLY A 370 -8.39 17.36 1.99
N TYR A 371 -9.43 17.89 2.65
CA TYR A 371 -10.84 17.91 2.19
C TYR A 371 -11.11 18.94 1.07
N ASP A 372 -12.33 18.95 0.57
CA ASP A 372 -12.74 19.91 -0.49
C ASP A 372 -12.57 21.39 -0.10
N TYR A 373 -12.68 21.65 1.18
CA TYR A 373 -12.53 23.00 1.71
C TYR A 373 -11.10 23.39 2.00
N TYR A 374 -10.15 22.47 1.80
CA TYR A 374 -8.74 22.78 1.82
C TYR A 374 -8.19 22.86 0.43
N LEU A 375 -8.44 21.83 -0.37
CA LEU A 375 -7.89 21.79 -1.71
C LEU A 375 -8.66 22.72 -2.65
N TRP A 376 -8.13 22.86 -3.86
CA TRP A 376 -8.80 23.68 -4.87
C TRP A 376 -10.17 23.11 -5.24
N PRO A 377 -11.14 23.99 -5.50
CA PRO A 377 -12.43 23.58 -6.01
C PRO A 377 -12.30 22.98 -7.40
N ASP A 378 -13.26 22.15 -7.77
CA ASP A 378 -13.36 21.69 -9.15
C ASP A 378 -13.51 22.85 -10.15
N ALA A 379 -13.94 24.01 -9.67
CA ALA A 379 -14.07 25.24 -10.47
C ALA A 379 -12.75 25.91 -10.79
N ALA A 380 -11.65 25.44 -10.19
CA ALA A 380 -10.35 25.98 -10.48
C ALA A 380 -9.89 25.67 -11.90
N LYS A 381 -8.94 26.48 -12.36
CA LYS A 381 -8.36 26.34 -13.69
C LYS A 381 -6.85 26.18 -13.62
N PHE A 382 -6.34 25.28 -14.46
CA PHE A 382 -4.90 25.02 -14.50
C PHE A 382 -4.33 25.42 -15.88
N PRO A 383 -3.09 25.94 -15.89
CA PRO A 383 -2.51 26.48 -17.12
C PRO A 383 -2.30 25.48 -18.24
N SER A 384 -2.16 24.18 -17.95
CA SER A 384 -2.09 23.20 -19.02
C SER A 384 -3.44 23.04 -19.71
N GLY A 385 -4.53 23.54 -19.14
CA GLY A 385 -5.86 23.20 -19.62
C GLY A 385 -6.46 21.93 -18.99
N LEU A 386 -5.70 21.18 -18.21
CA LEU A 386 -6.28 19.98 -17.57
C LEU A 386 -7.37 20.42 -16.57
N SER A 387 -8.52 19.76 -16.60
CA SER A 387 -9.58 20.00 -15.65
C SER A 387 -9.05 19.88 -14.22
N ALA A 388 -9.57 20.72 -13.34
CA ALA A 388 -9.25 20.62 -11.91
C ALA A 388 -9.64 19.23 -11.34
N GLU A 389 -10.68 18.62 -11.91
CA GLU A 389 -11.15 17.29 -11.54
C GLU A 389 -10.09 16.22 -11.79
N GLN A 390 -9.61 16.15 -13.02
CA GLN A 390 -8.52 15.24 -13.35
C GLN A 390 -7.25 15.53 -12.57
N MET A 391 -7.00 16.80 -12.24
CA MET A 391 -5.85 17.19 -11.43
C MET A 391 -6.04 16.65 -10.01
N ARG A 392 -7.24 16.83 -9.48
CA ARG A 392 -7.56 16.29 -8.14
C ARG A 392 -7.35 14.77 -8.11
N GLN A 393 -7.79 14.07 -9.14
CA GLN A 393 -7.75 12.61 -9.15
C GLN A 393 -6.33 12.06 -9.26
N THR A 394 -5.40 12.87 -9.78
CA THR A 394 -4.07 12.41 -10.12
C THR A 394 -2.92 13.16 -9.47
N TYR A 395 -3.20 14.17 -8.67
CA TYR A 395 -2.12 15.00 -8.14
C TYR A 395 -1.12 14.16 -7.34
N GLY A 396 -1.65 13.26 -6.51
CA GLY A 396 -0.80 12.37 -5.74
C GLY A 396 0.07 11.50 -6.64
N LEU A 397 -0.56 10.92 -7.66
CA LEU A 397 0.21 10.17 -8.64
C LEU A 397 1.37 11.02 -9.23
N LEU A 398 1.10 12.26 -9.57
CA LEU A 398 2.12 13.11 -10.20
C LEU A 398 3.31 13.36 -9.28
N VAL A 399 3.03 13.61 -8.00
CA VAL A 399 4.12 13.96 -7.13
C VAL A 399 4.94 12.71 -6.83
N GLN A 400 4.26 11.58 -6.73
CA GLN A 400 4.95 10.29 -6.55
C GLN A 400 5.85 10.00 -7.74
N ARG A 401 5.28 10.13 -8.93
CA ARG A 401 5.98 9.83 -10.15
C ARG A 401 7.30 10.60 -10.27
N TYR A 402 7.23 11.92 -10.15
CA TYR A 402 8.36 12.74 -10.52
C TYR A 402 9.40 12.80 -9.42
N SER A 403 8.95 12.67 -8.17
CA SER A 403 9.89 12.55 -7.08
C SER A 403 10.66 11.22 -7.16
N ALA A 404 9.94 10.12 -7.43
CA ALA A 404 10.61 8.82 -7.50
C ALA A 404 11.69 8.77 -8.60
N GLU A 405 11.40 9.47 -9.68
CA GLU A 405 12.29 9.59 -10.84
C GLU A 405 13.65 10.14 -10.42
N LEU A 406 13.67 11.15 -9.56
CA LEU A 406 14.92 11.78 -9.13
C LEU A 406 15.87 10.78 -8.47
N TYR A 407 15.29 9.81 -7.76
CA TYR A 407 16.05 8.79 -7.09
C TYR A 407 16.50 7.75 -8.08
N LYS A 408 15.60 7.34 -8.95
CA LYS A 408 15.97 6.35 -9.95
C LYS A 408 17.09 6.83 -10.88
N GLN A 409 17.07 8.12 -11.21
CA GLN A 409 18.14 8.71 -12.03
C GLN A 409 19.50 8.57 -11.33
N ARG A 410 19.51 8.47 -10.00
CA ARG A 410 20.76 8.36 -9.24
C ARG A 410 21.09 6.93 -8.83
N ASN A 411 20.44 5.96 -9.47
CA ASN A 411 20.56 4.54 -9.11
C ASN A 411 20.34 4.27 -7.61
N GLU A 412 19.40 4.99 -6.99
CA GLU A 412 19.09 4.84 -5.54
C GLU A 412 17.61 4.62 -5.32
N ARG A 413 17.26 3.58 -4.57
CA ARG A 413 15.86 3.41 -4.19
C ARG A 413 15.43 4.43 -3.14
N THR A 414 14.14 4.79 -3.17
CA THR A 414 13.52 5.57 -2.11
C THR A 414 12.35 4.79 -1.51
N PHE A 415 11.77 5.34 -0.46
CA PHE A 415 10.59 4.76 0.16
C PHE A 415 10.05 5.82 1.09
N GLY A 416 8.78 6.15 0.90
CA GLY A 416 8.17 7.22 1.68
C GLY A 416 6.67 7.07 1.78
N LEU A 417 6.01 8.21 1.99
CA LEU A 417 4.61 8.27 2.34
C LEU A 417 3.89 9.24 1.45
N VAL A 418 2.60 8.99 1.25
CA VAL A 418 1.78 9.85 0.42
C VAL A 418 0.34 9.79 0.90
N ARG A 419 -0.38 10.88 0.79
CA ARG A 419 -1.74 10.88 1.30
C ARG A 419 -2.80 10.74 0.21
N ALA A 420 -2.36 10.61 -1.05
CA ALA A 420 -3.30 10.33 -2.16
C ALA A 420 -2.61 9.48 -3.21
N SER A 421 -3.37 8.55 -3.78
CA SER A 421 -2.95 7.84 -4.97
C SER A 421 -4.18 7.41 -5.75
N ASN A 422 -4.00 6.54 -6.74
CA ASN A 422 -5.08 6.07 -7.57
C ASN A 422 -4.63 4.88 -8.40
N GLY A 423 -5.53 4.38 -9.25
CA GLY A 423 -5.14 3.46 -10.31
C GLY A 423 -3.95 4.06 -11.05
N GLY A 424 -3.05 3.20 -11.50
CA GLY A 424 -1.82 3.67 -12.11
C GLY A 424 -0.66 3.79 -11.15
N GLY A 425 -0.92 3.69 -9.85
CA GLY A 425 0.11 4.00 -8.84
C GLY A 425 0.79 2.81 -8.20
N THR A 426 0.52 1.61 -8.67
CA THR A 426 1.07 0.43 -8.02
C THR A 426 2.58 0.46 -7.90
N SER A 427 3.26 1.01 -8.90
CA SER A 427 4.72 0.86 -9.01
C SER A 427 5.52 1.88 -8.22
N PHE A 428 4.84 2.80 -7.54
CA PHE A 428 5.52 3.90 -6.86
C PHE A 428 6.01 3.55 -5.46
N PRO A 429 7.09 4.19 -5.02
CA PRO A 429 7.70 3.84 -3.75
C PRO A 429 7.06 4.56 -2.56
N TYR A 430 5.73 4.53 -2.46
CA TYR A 430 5.03 5.26 -1.41
C TYR A 430 3.96 4.38 -0.74
N VAL A 431 3.81 4.63 0.55
CA VAL A 431 2.80 4.04 1.37
C VAL A 431 1.79 5.11 1.78
N ILE A 432 0.50 4.79 1.69
CA ILE A 432 -0.54 5.73 2.08
C ILE A 432 -0.69 5.69 3.60
N TYR A 433 -0.93 6.87 4.15
CA TYR A 433 -1.25 7.05 5.57
C TYR A 433 -2.36 8.13 5.61
N ASN A 434 -2.98 8.35 6.77
CA ASN A 434 -3.83 9.51 6.91
C ASN A 434 -3.90 10.08 8.33
N ASP A 435 -4.77 11.05 8.50
CA ASP A 435 -4.92 11.75 9.78
C ASP A 435 -6.16 11.28 10.54
N TYR A 436 -6.84 10.24 10.01
CA TYR A 436 -7.94 9.53 10.68
C TYR A 436 -7.27 8.60 11.70
N TYR A 437 -8.04 7.91 12.53
CA TYR A 437 -7.38 7.04 13.52
C TYR A 437 -8.14 5.81 14.05
N ASN A 438 -9.40 5.61 13.69
CA ASN A 438 -10.13 4.47 14.20
C ASN A 438 -9.35 3.18 13.86
N HIS A 439 -8.98 2.41 14.88
CA HIS A 439 -8.09 1.27 14.68
C HIS A 439 -8.71 0.17 13.81
N GLN A 440 -9.97 -0.17 14.10
CA GLN A 440 -10.70 -1.17 13.33
C GLN A 440 -10.70 -0.82 11.85
N ASP A 441 -11.00 0.44 11.56
CA ASP A 441 -11.06 0.93 10.19
C ASP A 441 -9.65 0.96 9.56
N PHE A 442 -8.63 1.25 10.36
CA PHE A 442 -7.23 1.15 9.91
C PHE A 442 -6.88 -0.26 9.42
N ILE A 443 -7.42 -1.29 10.06
CA ILE A 443 -7.17 -2.67 9.62
C ILE A 443 -8.00 -3.01 8.37
N THR A 444 -9.23 -2.53 8.31
CA THR A 444 -10.05 -2.69 7.15
C THR A 444 -9.37 -2.04 5.91
N ALA A 445 -8.81 -0.86 6.06
CA ALA A 445 -8.10 -0.24 4.94
C ALA A 445 -6.90 -1.09 4.51
N LEU A 446 -6.22 -1.70 5.48
CA LEU A 446 -5.09 -2.56 5.15
C LEU A 446 -5.54 -3.75 4.30
N ILE A 447 -6.67 -4.34 4.64
CA ILE A 447 -7.28 -5.42 3.83
C ILE A 447 -7.54 -4.91 2.38
N ASN A 448 -8.21 -3.77 2.29
CA ASN A 448 -8.66 -3.24 1.03
C ASN A 448 -7.48 -2.72 0.20
N SER A 449 -6.36 -2.38 0.84
CA SER A 449 -5.17 -2.03 0.06
C SER A 449 -4.81 -3.12 -0.94
N GLY A 450 -4.97 -4.39 -0.58
CA GLY A 450 -4.61 -5.51 -1.47
C GLY A 450 -5.49 -5.60 -2.71
N PHE A 451 -6.71 -5.02 -2.63
CA PHE A 451 -7.62 -4.94 -3.76
C PHE A 451 -7.44 -3.67 -4.59
N ALA A 452 -6.63 -2.72 -4.11
CA ALA A 452 -6.62 -1.36 -4.65
C ALA A 452 -5.34 -0.98 -5.36
N GLY A 453 -4.36 -1.88 -5.41
CA GLY A 453 -3.09 -1.59 -6.08
C GLY A 453 -2.26 -0.50 -5.44
N VAL A 454 -2.35 -0.38 -4.11
CA VAL A 454 -1.58 0.59 -3.34
C VAL A 454 -1.22 -0.01 -1.99
N LEU A 455 -0.27 0.62 -1.32
CA LEU A 455 0.13 0.21 0.00
C LEU A 455 -0.48 1.17 1.04
N TRP A 456 -0.77 0.64 2.23
CA TRP A 456 -1.34 1.43 3.33
C TRP A 456 -0.68 1.06 4.67
N THR A 457 -0.37 2.04 5.50
CA THR A 457 0.14 1.72 6.83
C THR A 457 -0.81 2.27 7.90
N PRO A 458 -1.20 1.42 8.87
CA PRO A 458 -2.00 1.84 10.01
C PRO A 458 -1.01 2.40 11.04
N GLU A 459 -0.67 3.66 10.86
CA GLU A 459 0.39 4.30 11.63
C GLU A 459 0.02 4.47 13.10
N VAL A 460 1.05 4.57 13.93
CA VAL A 460 0.88 4.77 15.37
C VAL A 460 1.23 6.21 15.68
N ARG A 461 0.37 6.90 16.42
CA ARG A 461 0.65 8.31 16.83
C ARG A 461 0.64 8.55 18.35
N ALA A 462 -0.52 8.36 18.94
CA ALA A 462 -0.69 8.50 20.36
C ALA A 462 -1.75 7.50 20.81
N SER A 463 -2.08 7.53 22.08
CA SER A 463 -3.03 6.61 22.62
C SER A 463 -3.32 6.98 24.03
N LYS A 464 -4.54 6.64 24.47
CA LYS A 464 -5.02 6.98 25.79
C LYS A 464 -4.54 5.99 26.80
N SER A 465 -4.10 4.83 26.33
CA SER A 465 -3.63 3.80 27.25
C SER A 465 -2.43 3.07 26.68
N GLY A 466 -1.64 2.44 27.55
CA GLY A 466 -0.59 1.53 27.12
C GLY A 466 -1.14 0.37 26.28
N GLU A 467 -2.30 -0.13 26.67
CA GLU A 467 -2.94 -1.24 25.98
C GLU A 467 -3.15 -0.90 24.50
N GLU A 468 -3.75 0.25 24.25
CA GLU A 468 -4.03 0.70 22.90
C GLU A 468 -2.74 0.96 22.15
N TRP A 469 -1.75 1.53 22.84
CA TRP A 469 -0.47 1.81 22.21
C TRP A 469 0.13 0.52 21.67
N LEU A 470 0.14 -0.52 22.49
CA LEU A 470 0.71 -1.80 22.10
C LEU A 470 -0.10 -2.50 20.98
N ARG A 471 -1.43 -2.48 21.07
CA ARG A 471 -2.25 -3.13 20.06
C ARG A 471 -2.01 -2.45 18.72
N ARG A 472 -1.87 -1.13 18.75
CA ARG A 472 -1.61 -0.38 17.53
C ARG A 472 -0.21 -0.67 16.98
N PHE A 473 0.78 -0.78 17.88
CA PHE A 473 2.13 -1.07 17.47
C PHE A 473 2.20 -2.49 16.91
N GLN A 474 1.45 -3.42 17.49
CA GLN A 474 1.45 -4.80 17.01
C GLN A 474 0.98 -4.92 15.56
N SER A 475 -0.16 -4.29 15.25
CA SER A 475 -0.67 -4.37 13.90
C SER A 475 0.23 -3.61 12.94
N ASN A 476 0.75 -2.48 13.40
CA ASN A 476 1.66 -1.68 12.59
C ASN A 476 2.96 -2.41 12.17
N VAL A 477 3.53 -3.26 13.01
CA VAL A 477 4.71 -4.01 12.57
C VAL A 477 4.37 -5.18 11.62
N PHE A 478 3.09 -5.50 11.49
CA PHE A 478 2.60 -6.41 10.45
C PHE A 478 1.92 -5.59 9.34
N SER A 479 2.70 -4.68 8.77
CA SER A 479 2.20 -3.79 7.71
C SER A 479 3.37 -3.29 6.85
N PRO A 480 3.08 -2.54 5.76
CA PRO A 480 4.13 -2.07 4.87
C PRO A 480 5.19 -1.20 5.53
N MET A 481 4.82 -0.42 6.56
CA MET A 481 5.78 0.52 7.18
C MET A 481 5.54 0.56 8.68
N ALA A 482 6.59 0.21 9.42
CA ALA A 482 6.62 0.23 10.87
C ALA A 482 7.01 1.63 11.30
N MET A 483 6.04 2.35 11.86
CA MET A 483 6.17 3.77 12.11
C MET A 483 5.39 4.27 13.31
N ILE A 484 6.06 5.13 14.10
CA ILE A 484 5.37 6.03 15.00
C ILE A 484 5.52 7.42 14.42
N ASN A 485 4.39 8.10 14.28
CA ASN A 485 4.33 9.48 13.79
C ASN A 485 4.04 10.39 14.95
N ALA A 486 5.09 10.98 15.52
CA ALA A 486 4.95 11.79 16.72
C ALA A 486 4.94 13.27 16.43
N TRP A 487 4.48 13.65 15.23
CA TRP A 487 4.48 15.07 14.83
C TRP A 487 3.93 16.03 15.89
N ALA A 488 2.85 15.63 16.57
CA ALA A 488 2.23 16.45 17.62
C ALA A 488 2.41 15.82 18.98
N SER A 489 2.53 14.49 19.04
CA SER A 489 2.47 13.79 20.31
C SER A 489 3.80 13.74 21.04
N GLY A 490 4.91 13.86 20.31
CA GLY A 490 6.24 13.61 20.86
C GLY A 490 6.53 12.24 21.44
N THR A 491 5.68 11.25 21.19
CA THR A 491 5.87 9.91 21.76
C THR A 491 7.04 9.16 21.12
N LYS A 492 7.57 8.20 21.86
CA LYS A 492 8.64 7.31 21.38
C LYS A 492 8.13 5.93 21.68
N PRO A 493 8.76 4.89 21.12
CA PRO A 493 8.25 3.54 21.34
C PRO A 493 8.04 3.18 22.82
N TRP A 494 8.91 3.76 23.65
CA TRP A 494 9.00 3.49 25.07
C TRP A 494 8.15 4.42 25.94
N SER A 495 7.31 5.28 25.35
CA SER A 495 6.62 6.31 26.14
C SER A 495 5.54 5.81 27.08
N TYR A 496 5.12 4.55 26.94
CA TYR A 496 4.10 3.96 27.76
C TYR A 496 4.73 2.85 28.59
N PRO A 497 4.98 3.12 29.89
CA PRO A 497 5.79 2.19 30.70
C PRO A 497 5.14 0.86 30.98
N GLU A 498 3.82 0.80 31.03
CA GLU A 498 3.12 -0.47 31.23
CA GLU A 498 3.09 -0.46 31.19
C GLU A 498 3.50 -1.47 30.13
N VAL A 499 3.71 -1.01 28.91
CA VAL A 499 3.90 -1.93 27.74
C VAL A 499 5.26 -1.85 27.03
N GLU A 500 6.16 -1.13 27.66
CA GLU A 500 7.46 -0.78 27.11
C GLU A 500 8.25 -1.99 26.64
N ALA A 501 8.35 -2.98 27.51
CA ALA A 501 9.09 -4.22 27.22
C ALA A 501 8.51 -4.96 26.00
N ASP A 502 7.17 -5.00 25.89
CA ASP A 502 6.53 -5.64 24.76
C ASP A 502 6.64 -4.84 23.45
N VAL A 503 6.61 -3.51 23.52
CA VAL A 503 6.83 -2.70 22.32
C VAL A 503 8.24 -2.96 21.74
N LYS A 504 9.25 -2.93 22.60
CA LYS A 504 10.60 -3.25 22.20
C LYS A 504 10.66 -4.63 21.52
N LYS A 505 10.00 -5.63 22.10
CA LYS A 505 10.02 -6.95 21.49
C LYS A 505 9.45 -6.94 20.07
N PHE A 506 8.37 -6.19 19.89
CA PHE A 506 7.73 -6.13 18.58
C PHE A 506 8.57 -5.32 17.62
N ALA A 507 9.26 -4.30 18.11
CA ALA A 507 10.19 -3.56 17.28
C ALA A 507 11.33 -4.45 16.79
N LEU A 508 11.88 -5.27 17.68
CA LEU A 508 12.96 -6.19 17.30
C LEU A 508 12.46 -7.30 16.37
N LEU A 509 11.26 -7.82 16.62
CA LEU A 509 10.63 -8.76 15.70
C LEU A 509 10.54 -8.16 14.27
N ARG A 510 10.14 -6.91 14.13
CA ARG A 510 10.07 -6.29 12.81
C ARG A 510 11.41 -6.45 12.07
N MET A 511 12.51 -6.18 12.77
CA MET A 511 13.84 -6.36 12.19
C MET A 511 14.17 -7.80 11.85
N GLN A 512 13.85 -8.73 12.75
CA GLN A 512 14.14 -10.13 12.55
C GLN A 512 13.37 -10.67 11.32
N MET A 513 12.14 -10.21 11.14
CA MET A 513 11.34 -10.58 10.01
C MET A 513 11.70 -9.89 8.68
N MET A 514 12.69 -9.00 8.67
CA MET A 514 13.05 -8.30 7.47
C MET A 514 13.17 -9.21 6.22
N PRO A 515 13.81 -10.40 6.33
CA PRO A 515 13.93 -11.26 5.12
C PRO A 515 12.58 -11.76 4.60
N TYR A 516 11.67 -12.03 5.54
CA TYR A 516 10.27 -12.37 5.21
C TYR A 516 9.58 -11.23 4.47
N TRP A 517 9.59 -10.03 5.04
CA TRP A 517 8.97 -8.90 4.39
C TRP A 517 9.62 -8.56 3.03
N TYR A 518 10.94 -8.66 2.95
CA TYR A 518 11.67 -8.27 1.74
C TYR A 518 11.26 -9.20 0.61
N SER A 519 11.24 -10.48 0.91
CA SER A 519 10.79 -11.48 -0.05
C SER A 519 9.34 -11.26 -0.47
N ALA A 520 8.46 -10.89 0.47
CA ALA A 520 7.08 -10.59 0.10
C ALA A 520 7.00 -9.40 -0.84
N PHE A 521 7.77 -8.37 -0.55
CA PHE A 521 7.80 -7.17 -1.41
C PHE A 521 8.40 -7.47 -2.78
N ALA A 522 9.32 -8.44 -2.85
CA ALA A 522 9.85 -8.90 -4.14
C ALA A 522 8.77 -9.54 -4.97
N ARG A 523 7.92 -10.37 -4.35
CA ARG A 523 6.74 -10.90 -5.03
C ARG A 523 5.78 -9.81 -5.53
N TYR A 524 5.59 -8.77 -4.74
CA TYR A 524 4.78 -7.61 -5.17
C TYR A 524 5.37 -7.00 -6.43
N HIS A 525 6.69 -6.83 -6.46
CA HIS A 525 7.35 -6.22 -7.61
C HIS A 525 7.34 -7.14 -8.83
N PHE A 526 7.80 -8.38 -8.65
CA PHE A 526 8.02 -9.28 -9.79
C PHE A 526 6.74 -9.97 -10.27
N GLU A 527 5.82 -10.22 -9.36
CA GLU A 527 4.61 -10.94 -9.68
C GLU A 527 3.29 -10.20 -9.50
N GLY A 528 3.32 -9.00 -8.94
CA GLY A 528 2.10 -8.27 -8.68
C GLY A 528 1.35 -8.70 -7.43
N MET A 529 1.94 -9.59 -6.64
CA MET A 529 1.27 -10.15 -5.47
C MET A 529 1.27 -9.15 -4.30
N PRO A 530 0.08 -8.66 -3.92
CA PRO A 530 0.04 -7.68 -2.82
C PRO A 530 0.49 -8.33 -1.51
N PRO A 531 1.36 -7.65 -0.76
CA PRO A 531 1.92 -8.28 0.44
C PRO A 531 0.95 -8.32 1.62
N PHE A 532 -0.07 -7.46 1.57
CA PHE A 532 -1.16 -7.51 2.57
C PHE A 532 -2.49 -7.59 1.87
N ARG A 533 -3.31 -8.54 2.27
CA ARG A 533 -4.57 -8.75 1.61
C ARG A 533 -5.59 -9.46 2.43
N GLY A 534 -6.82 -9.41 1.93
CA GLY A 534 -7.96 -10.01 2.61
C GLY A 534 -7.98 -11.53 2.57
N MET A 535 -8.90 -12.10 3.34
CA MET A 535 -9.11 -13.55 3.34
C MET A 535 -9.73 -14.05 2.03
N GLY A 536 -9.60 -15.34 1.80
CA GLY A 536 -10.24 -15.98 0.68
C GLY A 536 -9.51 -15.75 -0.62
N LEU A 537 -8.23 -15.35 -0.56
CA LEU A 537 -7.49 -14.91 -1.74
C LEU A 537 -6.32 -15.80 -2.05
N GLU A 538 -6.50 -17.10 -1.86
CA GLU A 538 -5.43 -18.08 -2.07
C GLU A 538 -5.12 -18.17 -3.58
N GLU A 539 -3.87 -18.50 -3.93
CA GLU A 539 -3.45 -18.65 -5.35
C GLU A 539 -3.76 -20.02 -5.94
N LYS A 566 -19.31 -14.87 4.20
CA LYS A 566 -19.47 -13.61 4.95
C LYS A 566 -18.18 -12.78 5.01
N GLU A 567 -18.38 -11.50 5.23
CA GLU A 567 -17.36 -10.49 5.13
C GLU A 567 -16.40 -10.60 6.30
N ILE A 568 -15.10 -10.66 6.03
CA ILE A 568 -14.12 -10.60 7.12
C ILE A 568 -13.33 -9.29 7.01
N LYS A 569 -13.54 -8.39 7.98
CA LYS A 569 -12.99 -7.01 7.94
C LYS A 569 -11.88 -6.83 8.95
N ASP A 570 -11.51 -7.89 9.65
CA ASP A 570 -10.56 -7.77 10.75
C ASP A 570 -9.45 -8.87 10.78
N GLN A 571 -9.20 -9.49 9.64
CA GLN A 571 -8.09 -10.42 9.47
C GLN A 571 -7.47 -10.15 8.11
N TYR A 572 -6.15 -10.30 8.02
CA TYR A 572 -5.49 -10.16 6.76
C TYR A 572 -4.33 -11.12 6.69
N MET A 573 -3.96 -11.48 5.45
CA MET A 573 -2.75 -12.22 5.18
C MET A 573 -1.62 -11.22 5.05
N ALA A 574 -0.47 -11.60 5.55
CA ALA A 574 0.72 -10.78 5.53
C ALA A 574 1.83 -11.66 4.99
N GLY A 575 2.26 -11.37 3.78
CA GLY A 575 3.03 -12.31 3.00
C GLY A 575 2.19 -13.53 2.67
N ASP A 576 2.84 -14.60 2.24
CA ASP A 576 2.13 -15.79 1.78
C ASP A 576 1.67 -16.66 2.91
N ASP A 577 2.40 -16.65 4.05
CA ASP A 577 2.29 -17.70 5.08
C ASP A 577 1.52 -17.28 6.37
N LEU A 578 1.38 -15.97 6.63
CA LEU A 578 0.86 -15.48 7.92
C LEU A 578 -0.56 -14.89 7.86
N LEU A 579 -1.42 -15.41 8.72
CA LEU A 579 -2.75 -14.89 8.89
C LEU A 579 -2.72 -14.06 10.18
N VAL A 580 -3.01 -12.77 10.05
CA VAL A 580 -2.94 -11.83 11.17
C VAL A 580 -4.35 -11.47 11.59
N ALA A 581 -4.62 -11.53 12.89
CA ALA A 581 -5.95 -11.21 13.38
C ALA A 581 -5.79 -10.25 14.59
N PRO A 582 -5.70 -8.94 14.33
CA PRO A 582 -5.42 -7.98 15.38
C PRO A 582 -6.47 -7.94 16.52
N MET A 583 -5.98 -7.72 17.74
CA MET A 583 -6.78 -7.29 18.88
C MET A 583 -6.94 -5.76 18.90
N PHE A 584 -8.07 -5.30 19.41
CA PHE A 584 -8.29 -3.88 19.61
C PHE A 584 -8.41 -3.55 21.10
N ALA A 585 -8.10 -2.32 21.48
CA ALA A 585 -8.10 -1.97 22.90
C ALA A 585 -9.48 -2.23 23.50
N GLY A 586 -9.51 -2.76 24.71
CA GLY A 586 -10.75 -3.06 25.39
C GLY A 586 -11.20 -4.49 25.19
N GLU A 587 -10.56 -5.24 24.28
CA GLU A 587 -10.93 -6.63 24.06
C GLU A 587 -9.99 -7.54 24.80
N LYS A 588 -10.52 -8.57 25.45
CA LYS A 588 -9.67 -9.66 26.00
C LYS A 588 -9.59 -10.85 25.03
N SER A 589 -10.65 -11.04 24.26
CA SER A 589 -10.67 -12.14 23.31
C SER A 589 -11.35 -11.76 22.00
N ARG A 590 -11.09 -12.56 20.96
CA ARG A 590 -11.73 -12.38 19.66
C ARG A 590 -11.91 -13.74 19.00
N LYS A 591 -12.74 -13.78 17.96
CA LYS A 591 -12.82 -14.96 17.12
C LYS A 591 -11.84 -14.84 15.95
N VAL A 592 -11.28 -15.96 15.55
CA VAL A 592 -10.44 -16.06 14.37
C VAL A 592 -11.01 -17.11 13.43
N VAL A 593 -11.31 -16.71 12.20
CA VAL A 593 -11.83 -17.62 11.22
C VAL A 593 -10.67 -18.16 10.38
N LEU A 594 -10.35 -19.45 10.56
CA LEU A 594 -9.26 -20.09 9.82
C LEU A 594 -9.75 -20.71 8.51
N PRO A 595 -9.02 -20.49 7.40
CA PRO A 595 -9.36 -21.18 6.15
C PRO A 595 -9.14 -22.68 6.27
N LYS A 596 -9.66 -23.46 5.32
CA LYS A 596 -9.36 -24.90 5.28
C LYS A 596 -7.84 -25.09 5.19
N GLY A 597 -7.38 -26.24 5.62
CA GLY A 597 -5.94 -26.50 5.69
C GLY A 597 -5.50 -26.21 7.10
N LYS A 598 -4.38 -26.76 7.52
CA LYS A 598 -3.99 -26.67 8.92
C LYS A 598 -3.18 -25.42 9.20
N TRP A 599 -3.38 -24.86 10.39
CA TRP A 599 -2.70 -23.65 10.83
C TRP A 599 -2.07 -23.83 12.19
N TYR A 600 -0.94 -23.16 12.37
CA TYR A 600 -0.08 -23.27 13.54
C TYR A 600 0.16 -21.89 14.18
N ASP A 601 0.19 -21.87 15.50
CA ASP A 601 0.47 -20.67 16.25
C ASP A 601 1.85 -20.13 15.93
N PHE A 602 1.89 -18.85 15.62
CA PHE A 602 3.12 -18.17 15.23
C PHE A 602 4.18 -18.25 16.32
N TYR A 603 3.73 -18.16 17.58
CA TYR A 603 4.64 -18.04 18.70
C TYR A 603 5.14 -19.41 19.19
N THR A 604 4.24 -20.38 19.31
CA THR A 604 4.59 -21.66 19.93
C THR A 604 4.73 -22.80 18.92
N GLY A 605 4.24 -22.55 17.71
CA GLY A 605 4.23 -23.56 16.65
C GLY A 605 3.15 -24.63 16.80
N GLU A 606 2.32 -24.53 17.82
CA GLU A 606 1.35 -25.59 18.11
C GLU A 606 0.18 -25.50 17.16
N TYR A 607 -0.38 -26.66 16.83
CA TYR A 607 -1.56 -26.72 16.00
C TYR A 607 -2.65 -25.83 16.56
N ALA A 608 -3.24 -25.05 15.67
CA ALA A 608 -4.31 -24.15 16.04
C ALA A 608 -5.66 -24.63 15.52
N GLY A 609 -5.74 -25.11 14.28
CA GLY A 609 -7.04 -25.44 13.69
C GLY A 609 -7.01 -25.63 12.20
N ASP A 610 -8.20 -25.92 11.64
CA ASP A 610 -8.36 -26.25 10.25
C ASP A 610 -9.81 -25.95 9.81
N GLY A 611 -10.02 -24.93 8.99
CA GLY A 611 -11.35 -24.64 8.48
C GLY A 611 -12.38 -24.54 9.59
N GLU A 612 -12.09 -23.66 10.54
CA GLU A 612 -12.93 -23.55 11.74
C GLU A 612 -12.74 -22.19 12.39
N VAL A 613 -13.60 -21.90 13.37
CA VAL A 613 -13.55 -20.67 14.12
C VAL A 613 -12.96 -20.93 15.50
N LEU A 614 -11.98 -20.12 15.87
CA LEU A 614 -11.36 -20.21 17.20
C LEU A 614 -11.80 -19.03 18.05
N ASP A 615 -11.95 -19.25 19.36
CA ASP A 615 -12.06 -18.15 20.33
C ASP A 615 -10.71 -18.03 21.01
N VAL A 616 -10.09 -16.87 20.87
CA VAL A 616 -8.71 -16.68 21.27
C VAL A 616 -8.57 -15.58 22.34
N THR A 617 -7.78 -15.84 23.37
CA THR A 617 -7.48 -14.88 24.42
C THR A 617 -5.97 -14.82 24.46
N PRO A 618 -5.37 -13.93 23.64
CA PRO A 618 -3.94 -13.98 23.40
C PRO A 618 -3.11 -13.36 24.51
N GLY A 619 -3.73 -12.49 25.30
CA GLY A 619 -2.96 -11.67 26.21
C GLY A 619 -2.49 -10.39 25.53
N LEU A 620 -2.08 -9.44 26.34
CA LEU A 620 -1.61 -8.15 25.87
C LEU A 620 -0.35 -8.31 25.04
N ASP A 621 0.49 -9.28 25.40
CA ASP A 621 1.80 -9.42 24.83
C ASP A 621 1.87 -10.07 23.41
N LYS A 622 0.74 -10.56 22.90
CA LYS A 622 0.68 -11.23 21.59
C LYS A 622 -0.40 -10.63 20.71
N ILE A 623 -0.07 -10.44 19.44
CA ILE A 623 -1.06 -10.27 18.41
C ILE A 623 -1.32 -11.67 17.82
N PRO A 624 -2.59 -12.08 17.70
CA PRO A 624 -2.90 -13.38 17.10
C PRO A 624 -2.37 -13.47 15.66
N VAL A 625 -1.44 -14.40 15.46
CA VAL A 625 -0.88 -14.70 14.15
C VAL A 625 -0.79 -16.21 14.01
N TYR A 626 -1.18 -16.68 12.82
CA TYR A 626 -1.23 -18.10 12.53
C TYR A 626 -0.47 -18.31 11.23
N VAL A 627 0.18 -19.46 11.14
CA VAL A 627 1.06 -19.82 10.02
C VAL A 627 0.49 -21.03 9.31
N ARG A 628 0.45 -20.96 7.98
CA ARG A 628 -0.06 -22.08 7.20
C ARG A 628 0.82 -23.33 7.41
N ASP A 629 0.21 -24.51 7.23
CA ASP A 629 0.94 -25.76 7.36
C ASP A 629 2.08 -25.74 6.33
N GLY A 630 3.30 -25.99 6.82
CA GLY A 630 4.51 -25.98 5.99
C GLY A 630 5.05 -24.57 5.77
N GLY A 631 4.45 -23.58 6.43
CA GLY A 631 4.85 -22.19 6.26
C GLY A 631 6.23 -21.93 6.85
N ILE A 632 6.94 -21.02 6.22
CA ILE A 632 8.31 -20.72 6.57
C ILE A 632 8.49 -19.23 6.78
N VAL A 633 9.12 -18.85 7.88
CA VAL A 633 9.46 -17.43 8.16
C VAL A 633 10.96 -17.37 8.41
N PRO A 634 11.75 -16.86 7.46
CA PRO A 634 13.19 -16.72 7.71
C PRO A 634 13.44 -15.52 8.59
N MET A 635 14.30 -15.67 9.58
CA MET A 635 14.55 -14.63 10.57
C MET A 635 16.03 -14.31 10.62
N MET A 636 16.37 -13.04 10.49
CA MET A 636 17.72 -12.58 10.71
C MET A 636 17.86 -12.20 12.21
N PRO A 637 19.09 -11.91 12.68
CA PRO A 637 19.25 -11.42 14.06
C PRO A 637 18.51 -10.11 14.32
N ALA A 638 18.29 -9.80 15.59
CA ALA A 638 17.59 -8.59 15.95
C ALA A 638 18.50 -7.34 15.82
N LEU A 639 18.92 -7.03 14.59
CA LEU A 639 19.74 -5.86 14.32
C LEU A 639 18.94 -4.59 14.55
N LEU A 640 19.62 -3.54 14.99
CA LEU A 640 18.99 -2.24 15.18
C LEU A 640 18.94 -1.40 13.92
N ASN A 641 19.64 -1.81 12.88
CA ASN A 641 19.72 -1.04 11.64
C ASN A 641 19.73 -2.08 10.52
N SER A 642 19.11 -1.76 9.39
CA SER A 642 19.06 -2.71 8.26
C SER A 642 20.48 -3.00 7.79
N PRO A 643 20.72 -4.24 7.36
CA PRO A 643 22.08 -4.58 7.02
C PRO A 643 22.47 -4.03 5.66
N LYS A 644 23.76 -3.74 5.54
CA LYS A 644 24.32 -3.12 4.34
C LYS A 644 24.50 -4.13 3.21
N SER A 645 24.60 -3.62 1.98
CA SER A 645 24.64 -4.48 0.79
C SER A 645 25.84 -5.44 0.80
N ASN A 646 26.92 -5.07 1.47
CA ASN A 646 28.14 -5.90 1.50
C ASN A 646 28.22 -6.76 2.76
N GLN A 647 27.09 -7.00 3.41
CA GLN A 647 27.07 -7.60 4.74
C GLN A 647 26.33 -8.93 4.71
N LYS A 648 26.97 -9.99 5.20
CA LYS A 648 26.32 -11.28 5.28
C LYS A 648 25.57 -11.37 6.58
N VAL A 649 24.43 -12.04 6.54
CA VAL A 649 23.54 -12.06 7.69
C VAL A 649 23.07 -13.48 7.89
N ASP A 650 23.14 -13.98 9.10
CA ASP A 650 22.68 -15.33 9.38
C ASP A 650 21.16 -15.37 9.38
N LEU A 651 20.62 -16.53 9.03
CA LEU A 651 19.20 -16.73 9.03
C LEU A 651 18.84 -17.98 9.81
N GLU A 652 17.79 -17.86 10.61
CA GLU A 652 17.14 -19.01 11.20
C GLU A 652 15.81 -19.18 10.50
N ILE A 653 15.63 -20.36 9.89
CA ILE A 653 14.47 -20.67 9.07
C ILE A 653 13.45 -21.35 9.98
N ARG A 654 12.40 -20.60 10.33
CA ARG A 654 11.38 -21.14 11.22
C ARG A 654 10.31 -21.77 10.39
N TYR A 655 10.17 -23.06 10.57
CA TYR A 655 9.32 -23.90 9.76
C TYR A 655 8.16 -24.41 10.62
N TYR A 656 6.95 -24.24 10.12
CA TYR A 656 5.74 -24.54 10.85
C TYR A 656 4.99 -25.74 10.27
N GLY A 657 4.45 -26.56 11.16
CA GLY A 657 3.63 -27.68 10.77
C GLY A 657 4.44 -28.89 10.38
N ASN A 658 3.86 -29.71 9.51
CA ASN A 658 4.45 -30.93 8.98
C ASN A 658 4.40 -31.09 7.46
N LYS A 659 3.53 -30.37 6.79
CA LYS A 659 3.57 -30.40 5.33
C LYS A 659 4.96 -29.87 4.88
N PRO A 660 5.62 -30.55 3.93
CA PRO A 660 6.89 -30.07 3.39
C PRO A 660 6.74 -28.63 2.90
N GLY A 661 7.65 -27.76 3.28
CA GLY A 661 7.53 -26.36 2.94
C GLY A 661 8.59 -25.91 1.95
N GLU A 662 8.26 -24.82 1.26
CA GLU A 662 9.11 -24.25 0.26
C GLU A 662 8.98 -22.75 0.31
N PHE A 663 10.09 -22.04 0.42
CA PHE A 663 10.10 -20.59 0.51
C PHE A 663 11.14 -20.03 -0.44
N LYS A 664 10.79 -18.99 -1.20
CA LYS A 664 11.74 -18.37 -2.11
C LYS A 664 12.23 -17.09 -1.51
N LEU A 665 13.50 -17.10 -1.11
CA LEU A 665 14.10 -15.98 -0.48
C LEU A 665 14.69 -15.08 -1.51
N TYR A 666 14.26 -13.83 -1.53
CA TYR A 666 14.83 -12.83 -2.45
C TYR A 666 16.11 -12.22 -1.91
N ASP A 667 17.11 -12.01 -2.79
CA ASP A 667 18.39 -11.44 -2.37
C ASP A 667 19.03 -10.58 -3.46
N ASP A 668 19.44 -9.37 -3.08
CA ASP A 668 20.15 -8.45 -3.96
C ASP A 668 20.77 -7.42 -3.05
N ASP A 669 21.25 -6.30 -3.60
CA ASP A 669 21.99 -5.31 -2.78
C ASP A 669 21.09 -4.49 -1.87
N GLY A 670 19.77 -4.56 -2.05
CA GLY A 670 18.82 -3.91 -1.17
C GLY A 670 18.71 -2.39 -1.26
N GLU A 671 19.35 -1.77 -2.25
CA GLU A 671 19.31 -0.33 -2.29
C GLU A 671 19.48 0.39 -3.62
N THR A 672 19.92 -0.33 -4.66
CA THR A 672 20.04 0.28 -6.00
C THR A 672 19.07 -0.35 -6.97
N PHE A 673 19.08 0.14 -8.19
CA PHE A 673 18.36 -0.49 -9.28
C PHE A 673 19.20 -1.48 -10.09
N ASN A 674 20.33 -1.96 -9.55
CA ASN A 674 21.07 -3.02 -10.21
C ASN A 674 20.25 -4.29 -10.51
N TYR A 675 19.24 -4.58 -9.68
CA TYR A 675 18.34 -5.69 -9.96
C TYR A 675 17.73 -5.62 -11.36
N GLU A 676 17.57 -4.42 -11.90
CA GLU A 676 17.00 -4.28 -13.24
C GLU A 676 17.92 -4.83 -14.31
N LYS A 677 19.22 -4.89 -14.01
CA LYS A 677 20.21 -5.49 -14.90
C LYS A 677 20.40 -6.96 -14.58
N GLY A 678 19.55 -7.54 -13.73
CA GLY A 678 19.63 -8.96 -13.40
C GLY A 678 20.48 -9.30 -12.19
N ASP A 679 20.99 -8.33 -11.45
CA ASP A 679 21.76 -8.67 -10.27
C ASP A 679 20.87 -8.90 -9.04
N PHE A 680 20.25 -10.07 -9.04
CA PHE A 680 19.43 -10.53 -7.92
C PHE A 680 19.33 -12.03 -8.00
N SER A 681 18.91 -12.67 -6.89
CA SER A 681 18.69 -14.12 -6.82
C SER A 681 17.42 -14.45 -6.03
N TRP A 682 16.84 -15.59 -6.33
CA TRP A 682 15.84 -16.18 -5.49
C TRP A 682 16.50 -17.43 -4.96
N ARG A 683 16.64 -17.54 -3.65
CA ARG A 683 17.20 -18.76 -3.05
C ARG A 683 16.06 -19.64 -2.57
N THR A 684 15.95 -20.85 -3.12
CA THR A 684 14.88 -21.75 -2.72
C THR A 684 15.23 -22.47 -1.42
N ILE A 685 14.35 -22.32 -0.43
CA ILE A 685 14.50 -22.96 0.87
C ILE A 685 13.45 -24.04 1.01
N ARG A 686 13.88 -25.26 1.34
CA ARG A 686 12.94 -26.35 1.57
C ARG A 686 13.16 -26.93 2.93
N VAL A 687 12.04 -27.26 3.59
CA VAL A 687 12.09 -27.78 4.94
C VAL A 687 11.02 -28.82 5.16
N GLU A 688 11.40 -29.88 5.89
CA GLU A 688 10.43 -30.83 6.42
C GLU A 688 10.98 -31.52 7.68
N LYS A 689 10.23 -32.44 8.24
CA LYS A 689 10.76 -33.24 9.35
C LYS A 689 10.96 -34.62 8.82
N ASP A 690 12.06 -35.25 9.24
CA ASP A 690 12.36 -36.61 8.81
C ASP A 690 11.46 -37.60 9.56
N LYS A 691 11.76 -38.90 9.43
CA LYS A 691 11.00 -39.96 10.09
C LYS A 691 10.93 -39.78 11.60
N SER A 692 12.06 -39.50 12.23
CA SER A 692 12.13 -39.26 13.67
C SER A 692 11.44 -37.99 14.14
N GLY A 693 10.99 -37.15 13.21
CA GLY A 693 10.41 -35.87 13.56
C GLY A 693 11.47 -34.78 13.72
N LYS A 694 12.68 -35.03 13.24
CA LYS A 694 13.74 -34.02 13.30
C LYS A 694 13.82 -33.20 12.01
N VAL A 695 14.03 -31.91 12.18
CA VAL A 695 13.98 -30.99 11.04
C VAL A 695 15.07 -31.32 10.00
N LYS A 696 14.72 -31.18 8.73
CA LYS A 696 15.66 -31.36 7.62
C LYS A 696 15.43 -30.20 6.64
N GLY A 697 16.46 -29.44 6.36
CA GLY A 697 16.33 -28.26 5.50
C GLY A 697 17.38 -28.17 4.41
N SER A 698 17.04 -27.47 3.32
CA SER A 698 18.03 -27.13 2.31
C SER A 698 17.82 -25.71 1.84
N ILE A 699 18.87 -25.16 1.28
CA ILE A 699 18.82 -23.89 0.58
C ILE A 699 19.60 -24.05 -0.71
N SER A 700 19.04 -23.56 -1.81
CA SER A 700 19.67 -23.66 -3.11
C SER A 700 20.97 -22.86 -3.11
N ALA A 701 21.87 -23.20 -4.03
CA ALA A 701 23.22 -22.65 -3.98
C ALA A 701 23.23 -21.22 -4.48
N ALA A 702 24.11 -20.40 -3.89
CA ALA A 702 24.31 -19.04 -4.33
C ALA A 702 24.69 -19.04 -5.79
N VAL A 703 24.28 -18.00 -6.52
CA VAL A 703 24.45 -17.92 -7.96
C VAL A 703 25.71 -17.11 -8.28
N LYS A 704 26.58 -17.73 -9.06
CA LYS A 704 27.79 -17.09 -9.58
C LYS A 704 27.56 -15.66 -10.05
N GLY A 705 28.36 -14.73 -9.52
CA GLY A 705 28.34 -13.35 -9.93
C GLY A 705 27.30 -12.47 -9.26
N LYS A 706 26.35 -13.05 -8.52
CA LYS A 706 25.26 -12.26 -7.94
C LYS A 706 25.60 -11.85 -6.52
N VAL A 707 24.97 -10.79 -6.04
CA VAL A 707 25.01 -10.43 -4.62
C VAL A 707 24.62 -11.64 -3.80
N ASN A 708 25.33 -11.86 -2.70
CA ASN A 708 24.95 -12.87 -1.72
C ASN A 708 25.13 -12.33 -0.30
N THR A 709 24.00 -12.01 0.34
CA THR A 709 24.01 -11.50 1.72
C THR A 709 23.58 -12.59 2.70
N VAL A 710 23.46 -13.81 2.23
CA VAL A 710 23.02 -14.89 3.09
C VAL A 710 24.22 -15.52 3.80
N GLY A 711 24.17 -15.52 5.15
CA GLY A 711 25.28 -16.03 5.97
C GLY A 711 25.02 -17.47 6.36
N LYS A 712 25.21 -17.78 7.64
CA LYS A 712 24.93 -19.11 8.10
C LYS A 712 23.42 -19.36 8.22
N VAL A 713 22.96 -20.49 7.71
CA VAL A 713 21.54 -20.84 7.70
C VAL A 713 21.26 -22.06 8.58
N THR A 714 20.37 -21.89 9.55
CA THR A 714 19.95 -22.96 10.43
C THR A 714 18.43 -23.13 10.32
N PHE A 715 17.96 -24.30 10.67
CA PHE A 715 16.55 -24.64 10.53
C PHE A 715 15.92 -25.02 11.87
N THR A 716 14.67 -24.60 12.06
CA THR A 716 13.94 -24.87 13.27
C THR A 716 12.55 -25.33 12.96
N ALA A 717 12.21 -26.53 13.42
CA ALA A 717 10.85 -27.03 13.35
C ALA A 717 10.11 -26.46 14.53
N MET A 718 9.16 -25.56 14.26
CA MET A 718 8.43 -24.88 15.34
C MET A 718 7.37 -25.78 15.94
N THR A 719 6.88 -26.74 15.16
CA THR A 719 5.82 -27.63 15.61
C THR A 719 6.44 -28.93 16.18
N LYS A 720 6.55 -28.98 17.52
CA LYS A 720 7.02 -30.14 18.27
C LYS A 720 6.10 -31.31 18.08
#